data_5YSE
#
_entry.id   5YSE
#
_cell.length_a   36.014
_cell.length_b   63.280
_cell.length_c   87.451
_cell.angle_alpha   89.99
_cell.angle_beta   82.24
_cell.angle_gamma   86.08
#
_symmetry.space_group_name_H-M   'P 1'
#
loop_
_entity.id
_entity.type
_entity.pdbx_description
1 polymer 'Lin1841 protein'
2 branched beta-D-glucopyranose-(1-2)-beta-D-glucopyranose-(1-2)-beta-D-glucopyranose-(1-2)-alpha-D-glucopyranose
3 non-polymer (4S)-2-METHYL-2,4-PENTANEDIOL
4 non-polymer 'MAGNESIUM ION'
5 water water
#
_entity_poly.entity_id   1
_entity_poly.type   'polypeptide(L)'
_entity_poly.pdbx_seq_one_letter_code
;MDDANSSDSKVLNVWAMGDEAKSLKELAQKFTKDTGIEVKVQVIPWANAHDKLLTAVASKSGPDVVQMGTTWMPEFVEAG
ALLDITKDVEKSKNMNSDLFFPGSVKTTQFDGKTYGVPWYAETRVLFYRTDLLKKVGYNEAPKTWDELSDAALKLSKRGK
DMYGFAIDPNEQTTGFIFGRQNGSPLFDKDGTPVFNKKPFVDTVTYLDSFIKNGSAPDTDLGLDASQSFGGDGIVPMFMS
GPWMVNTLKDTAPDIDGKWATAVLPKKENNESSLGGANLSIFKYSNKKDDALKFMDYMSQPDVQLSWLKDTNSMPARMDA
WEDDMLKNDPYYKVFGEQMKTAEPMPLIPQFEEIAQLYGKSWEQIYRGGADVQTQMDTFNDQVEALLKKLEHHHHHH
;
_entity_poly.pdbx_strand_id   A,B
#
# COMPACT_ATOMS: atom_id res chain seq x y z
N LYS A 10 -13.57 14.39 -30.19
CA LYS A 10 -12.12 14.52 -29.85
C LYS A 10 -11.62 13.67 -28.69
N VAL A 11 -12.53 13.18 -27.87
CA VAL A 11 -12.17 12.52 -26.61
C VAL A 11 -12.43 10.99 -26.75
N LEU A 12 -11.49 10.19 -26.31
CA LEU A 12 -11.70 8.73 -26.23
C LEU A 12 -12.60 8.45 -25.03
N ASN A 13 -13.75 7.78 -25.29
CA ASN A 13 -14.65 7.43 -24.25
C ASN A 13 -14.43 6.02 -23.73
N VAL A 14 -14.28 5.91 -22.42
CA VAL A 14 -14.02 4.66 -21.73
C VAL A 14 -15.12 4.47 -20.72
N TRP A 15 -15.84 3.34 -20.78
CA TRP A 15 -16.83 2.99 -19.75
C TRP A 15 -16.20 1.95 -18.83
N ALA A 16 -16.23 2.26 -17.55
CA ALA A 16 -15.67 1.33 -16.54
C ALA A 16 -16.60 1.26 -15.38
N MET A 17 -16.32 0.34 -14.47
CA MET A 17 -17.26 0.06 -13.41
C MET A 17 -16.67 0.18 -12.02
N GLY A 18 -17.44 0.79 -11.11
CA GLY A 18 -17.18 0.58 -9.73
C GLY A 18 -15.85 1.20 -9.22
N ASP A 19 -15.36 0.57 -8.17
CA ASP A 19 -14.12 1.02 -7.50
C ASP A 19 -12.96 0.98 -8.46
N GLU A 20 -12.83 -0.09 -9.28
CA GLU A 20 -11.68 -0.17 -10.19
C GLU A 20 -11.63 0.99 -11.19
N ALA A 21 -12.79 1.47 -11.58
CA ALA A 21 -12.83 2.56 -12.56
C ALA A 21 -12.19 3.83 -11.94
N LYS A 22 -12.21 4.00 -10.64
CA LYS A 22 -11.52 5.13 -10.00
C LYS A 22 -9.99 5.05 -10.22
N SER A 23 -9.42 3.82 -10.18
CA SER A 23 -8.00 3.67 -10.44
C SER A 23 -7.78 3.89 -11.95
N LEU A 24 -8.69 3.39 -12.80
CA LEU A 24 -8.52 3.57 -14.23
C LEU A 24 -8.57 5.07 -14.58
N LYS A 25 -9.42 5.83 -13.93
CA LYS A 25 -9.54 7.26 -14.22
C LYS A 25 -8.21 7.97 -13.90
N GLU A 26 -7.56 7.61 -12.81
CA GLU A 26 -6.29 8.19 -12.40
C GLU A 26 -5.24 7.82 -13.41
N LEU A 27 -5.18 6.54 -13.79
CA LEU A 27 -4.19 6.11 -14.75
C LEU A 27 -4.41 6.82 -16.07
N ALA A 28 -5.68 7.05 -16.45
CA ALA A 28 -6.00 7.65 -17.75
C ALA A 28 -5.54 9.06 -17.81
N GLN A 29 -5.52 9.73 -16.67
CA GLN A 29 -4.96 11.08 -16.61
C GLN A 29 -3.48 11.10 -17.00
N LYS A 30 -2.73 10.12 -16.50
CA LYS A 30 -1.34 10.00 -16.86
C LYS A 30 -1.18 9.56 -18.35
N PHE A 31 -2.03 8.69 -18.83
CA PHE A 31 -2.05 8.36 -20.22
C PHE A 31 -2.18 9.59 -21.11
N THR A 32 -3.12 10.47 -20.75
CA THR A 32 -3.38 11.68 -21.53
C THR A 32 -2.09 12.56 -21.51
N LYS A 33 -1.45 12.67 -20.36
CA LYS A 33 -0.21 13.46 -20.23
C LYS A 33 0.86 12.87 -21.09
N ASP A 34 1.02 11.54 -21.05
CA ASP A 34 2.05 10.84 -21.81
C ASP A 34 1.87 10.77 -23.30
N THR A 35 0.65 10.77 -23.82
CA THR A 35 0.37 10.59 -25.22
C THR A 35 -0.31 11.83 -25.91
N GLY A 36 -0.85 12.77 -25.12
CA GLY A 36 -1.75 13.80 -25.63
C GLY A 36 -3.17 13.42 -26.01
N ILE A 37 -3.52 12.13 -25.80
CA ILE A 37 -4.84 11.65 -26.23
C ILE A 37 -5.80 11.85 -25.03
N GLU A 38 -6.77 12.72 -25.19
CA GLU A 38 -7.76 12.99 -24.10
C GLU A 38 -8.69 11.79 -23.94
N VAL A 39 -9.04 11.51 -22.73
CA VAL A 39 -9.79 10.32 -22.38
C VAL A 39 -10.79 10.75 -21.31
N LYS A 40 -12.06 10.35 -21.50
CA LYS A 40 -13.09 10.53 -20.44
C LYS A 40 -13.54 9.14 -20.00
N VAL A 41 -13.33 8.84 -18.71
CA VAL A 41 -13.67 7.51 -18.13
C VAL A 41 -14.99 7.72 -17.38
N GLN A 42 -16.05 7.00 -17.80
CA GLN A 42 -17.32 7.01 -17.07
C GLN A 42 -17.35 5.90 -16.04
N VAL A 43 -17.91 6.18 -14.88
CA VAL A 43 -17.89 5.20 -13.78
C VAL A 43 -19.31 4.73 -13.61
N ILE A 44 -19.54 3.45 -13.86
CA ILE A 44 -20.88 2.92 -13.90
C ILE A 44 -20.95 1.83 -12.77
N PRO A 45 -21.94 1.90 -11.89
CA PRO A 45 -22.08 0.80 -10.92
C PRO A 45 -22.27 -0.52 -11.57
N TRP A 46 -21.75 -1.61 -10.93
CA TRP A 46 -21.92 -2.92 -11.51
C TRP A 46 -23.42 -3.25 -11.64
N ALA A 47 -24.23 -2.77 -10.68
CA ALA A 47 -25.66 -3.02 -10.66
C ALA A 47 -26.37 -2.50 -11.85
N ASN A 48 -25.85 -1.48 -12.46
CA ASN A 48 -26.47 -0.83 -13.65
C ASN A 48 -25.78 -1.14 -14.94
N ALA A 49 -24.59 -1.73 -14.92
CA ALA A 49 -23.81 -1.86 -16.09
C ALA A 49 -24.40 -2.71 -17.23
N HIS A 50 -25.01 -3.85 -16.87
CA HIS A 50 -25.53 -4.75 -17.88
C HIS A 50 -26.64 -3.99 -18.72
N ASP A 51 -27.53 -3.26 -18.04
CA ASP A 51 -28.55 -2.46 -18.79
C ASP A 51 -27.93 -1.36 -19.65
N LYS A 52 -26.90 -0.68 -19.11
CA LYS A 52 -26.24 0.34 -19.87
C LYS A 52 -25.62 -0.27 -21.16
N LEU A 53 -25.01 -1.46 -21.04
CA LEU A 53 -24.42 -2.18 -22.21
C LEU A 53 -25.48 -2.57 -23.23
N LEU A 54 -26.58 -3.12 -22.75
CA LEU A 54 -27.70 -3.46 -23.63
C LEU A 54 -28.18 -2.24 -24.41
N THR A 55 -28.23 -1.08 -23.76
CA THR A 55 -28.74 0.14 -24.42
C THR A 55 -27.77 0.56 -25.46
N ALA A 56 -26.48 0.43 -25.16
CA ALA A 56 -25.48 0.83 -26.15
C ALA A 56 -25.53 -0.05 -27.38
N VAL A 57 -25.72 -1.35 -27.17
CA VAL A 57 -25.86 -2.26 -28.28
C VAL A 57 -27.11 -1.92 -29.11
N ALA A 58 -28.24 -1.72 -28.46
CA ALA A 58 -29.51 -1.41 -29.18
C ALA A 58 -29.39 -0.13 -30.03
N SER A 59 -28.63 0.87 -29.54
CA SER A 59 -28.48 2.15 -30.21
C SER A 59 -27.21 2.20 -31.08
N LYS A 60 -26.33 1.21 -30.98
CA LYS A 60 -25.02 1.17 -31.65
C LYS A 60 -24.16 2.40 -31.33
N SER A 61 -24.33 2.88 -30.10
CA SER A 61 -23.68 4.08 -29.66
C SER A 61 -23.31 3.97 -28.20
N GLY A 62 -22.08 4.29 -27.93
CA GLY A 62 -21.57 3.95 -26.66
C GLY A 62 -20.13 4.35 -26.62
N PRO A 63 -19.36 3.63 -25.86
CA PRO A 63 -18.00 4.00 -25.62
C PRO A 63 -17.08 3.56 -26.71
N ASP A 64 -15.81 3.90 -26.57
CA ASP A 64 -14.77 3.41 -27.45
C ASP A 64 -14.14 2.18 -26.83
N VAL A 65 -13.62 2.33 -25.62
CA VAL A 65 -13.16 1.18 -24.83
C VAL A 65 -14.21 0.87 -23.79
N VAL A 66 -14.49 -0.39 -23.59
CA VAL A 66 -15.41 -0.84 -22.57
C VAL A 66 -14.79 -1.84 -21.65
N GLN A 67 -14.92 -1.63 -20.34
CA GLN A 67 -14.57 -2.64 -19.34
C GLN A 67 -15.72 -3.62 -19.32
N MET A 68 -15.41 -4.87 -19.62
CA MET A 68 -16.40 -5.92 -19.69
C MET A 68 -16.21 -6.95 -18.60
N GLY A 69 -17.24 -7.06 -17.76
CA GLY A 69 -17.28 -8.17 -16.81
C GLY A 69 -17.11 -9.49 -17.57
N THR A 70 -16.28 -10.36 -17.06
CA THR A 70 -15.99 -11.61 -17.79
C THR A 70 -17.26 -12.40 -18.12
N THR A 71 -18.22 -12.46 -17.18
CA THR A 71 -19.40 -13.29 -17.42
C THR A 71 -20.30 -12.82 -18.55
N TRP A 72 -20.10 -11.56 -18.96
CA TRP A 72 -20.87 -10.95 -20.06
C TRP A 72 -20.15 -10.97 -21.41
N MET A 73 -18.90 -11.44 -21.43
CA MET A 73 -18.19 -11.57 -22.69
C MET A 73 -18.96 -12.40 -23.76
N PRO A 74 -19.45 -13.58 -23.42
CA PRO A 74 -20.16 -14.37 -24.44
C PRO A 74 -21.41 -13.66 -24.99
N GLU A 75 -22.14 -13.02 -24.11
CA GLU A 75 -23.33 -12.25 -24.53
C GLU A 75 -23.01 -11.14 -25.55
N PHE A 76 -22.01 -10.33 -25.21
CA PHE A 76 -21.71 -9.16 -26.03
C PHE A 76 -20.90 -9.54 -27.26
N VAL A 77 -20.19 -10.66 -27.25
CA VAL A 77 -19.64 -11.21 -28.50
C VAL A 77 -20.76 -11.73 -29.39
N GLU A 78 -21.71 -12.46 -28.83
CA GLU A 78 -22.90 -12.99 -29.56
C GLU A 78 -23.65 -11.81 -30.23
N ALA A 79 -23.74 -10.67 -29.54
CA ALA A 79 -24.50 -9.52 -30.02
C ALA A 79 -23.74 -8.77 -31.09
N GLY A 80 -22.47 -9.13 -31.35
CA GLY A 80 -21.65 -8.47 -32.34
C GLY A 80 -21.14 -7.10 -31.87
N ALA A 81 -21.11 -6.87 -30.57
CA ALA A 81 -20.80 -5.56 -30.07
C ALA A 81 -19.33 -5.31 -29.80
N LEU A 82 -18.53 -6.35 -29.83
CA LEU A 82 -17.13 -6.19 -29.47
C LEU A 82 -16.28 -6.48 -30.65
N LEU A 83 -15.28 -5.62 -30.86
CA LEU A 83 -14.43 -5.79 -31.97
C LEU A 83 -13.51 -7.01 -31.81
N ASP A 84 -13.41 -7.75 -32.92
CA ASP A 84 -12.37 -8.73 -33.09
C ASP A 84 -10.97 -8.10 -33.15
N ILE A 85 -10.19 -8.28 -32.08
CA ILE A 85 -8.86 -7.70 -31.98
C ILE A 85 -7.74 -8.72 -32.09
N THR A 86 -8.05 -9.86 -32.68
CA THR A 86 -7.08 -10.94 -32.64
C THR A 86 -5.68 -10.60 -33.18
N LYS A 87 -5.66 -10.04 -34.37
CA LYS A 87 -4.41 -9.64 -34.99
C LYS A 87 -3.66 -8.58 -34.16
N ASP A 88 -4.43 -7.67 -33.52
CA ASP A 88 -3.84 -6.56 -32.80
C ASP A 88 -3.20 -7.00 -31.53
N VAL A 89 -3.83 -7.94 -30.82
CA VAL A 89 -3.23 -8.41 -29.55
C VAL A 89 -2.10 -9.37 -29.77
N GLU A 90 -2.18 -10.21 -30.80
CA GLU A 90 -1.02 -11.03 -31.17
C GLU A 90 0.25 -10.16 -31.37
N LYS A 91 0.08 -8.95 -31.97
CA LYS A 91 1.20 -8.01 -32.27
C LYS A 91 1.56 -6.97 -31.19
N SER A 92 0.81 -6.93 -30.09
CA SER A 92 1.27 -6.16 -28.91
C SER A 92 2.24 -7.08 -28.17
N LYS A 93 3.15 -6.55 -27.39
CA LYS A 93 3.93 -7.29 -26.35
C LYS A 93 3.28 -7.21 -24.99
N ASN A 94 2.31 -6.28 -24.76
CA ASN A 94 1.58 -6.32 -23.44
C ASN A 94 0.20 -7.06 -23.42
N MET A 95 -0.40 -7.32 -24.57
CA MET A 95 -1.78 -7.82 -24.63
C MET A 95 -1.90 -9.24 -25.20
N ASN A 96 -0.76 -9.83 -25.57
CA ASN A 96 -0.77 -11.16 -26.08
C ASN A 96 -1.37 -12.16 -25.04
N SER A 97 -2.26 -13.01 -25.53
CA SER A 97 -2.99 -13.99 -24.69
C SER A 97 -2.07 -14.86 -23.88
N ASP A 98 -0.88 -15.12 -24.41
CA ASP A 98 0.05 -16.00 -23.74
C ASP A 98 0.54 -15.51 -22.38
N LEU A 99 0.43 -14.20 -22.13
CA LEU A 99 0.80 -13.63 -20.87
C LEU A 99 -0.21 -13.90 -19.72
N PHE A 100 -1.43 -14.30 -20.04
CA PHE A 100 -2.52 -14.34 -19.06
C PHE A 100 -2.94 -15.77 -18.70
N PHE A 101 -3.54 -15.92 -17.51
CA PHE A 101 -4.00 -17.24 -17.08
C PHE A 101 -4.99 -17.79 -18.09
N PRO A 102 -4.90 -19.14 -18.35
CA PRO A 102 -5.80 -19.71 -19.30
C PRO A 102 -7.27 -19.47 -19.01
N GLY A 103 -7.65 -19.53 -17.76
CA GLY A 103 -9.06 -19.30 -17.43
C GLY A 103 -9.54 -17.85 -17.75
N SER A 104 -8.67 -16.90 -17.52
CA SER A 104 -8.88 -15.50 -17.94
C SER A 104 -8.99 -15.37 -19.47
N VAL A 105 -8.06 -16.00 -20.16
CA VAL A 105 -8.06 -16.02 -21.65
C VAL A 105 -9.34 -16.63 -22.22
N LYS A 106 -9.89 -17.66 -21.54
CA LYS A 106 -11.12 -18.31 -21.99
C LYS A 106 -12.28 -17.31 -22.07
N THR A 107 -12.21 -16.26 -21.26
CA THR A 107 -13.25 -15.25 -21.19
C THR A 107 -13.15 -14.24 -22.39
N THR A 108 -12.06 -14.35 -23.10
CA THR A 108 -11.77 -13.42 -24.21
C THR A 108 -11.84 -14.01 -25.59
N GLN A 109 -11.85 -15.35 -25.71
CA GLN A 109 -11.71 -16.02 -26.99
C GLN A 109 -12.93 -16.84 -27.31
N PHE A 110 -13.48 -16.61 -28.49
CA PHE A 110 -14.66 -17.27 -29.00
C PHE A 110 -14.50 -17.60 -30.46
N ASP A 111 -14.70 -18.89 -30.79
CA ASP A 111 -14.60 -19.41 -32.17
C ASP A 111 -13.30 -18.97 -32.81
N GLY A 112 -12.19 -19.10 -32.10
CA GLY A 112 -10.90 -18.74 -32.65
C GLY A 112 -10.53 -17.26 -32.68
N LYS A 113 -11.37 -16.37 -32.17
CA LYS A 113 -11.11 -14.93 -32.23
C LYS A 113 -11.07 -14.34 -30.84
N THR A 114 -10.28 -13.27 -30.66
CA THR A 114 -10.07 -12.68 -29.36
C THR A 114 -10.72 -11.31 -29.36
N TYR A 115 -11.47 -11.04 -28.31
CA TYR A 115 -12.33 -9.85 -28.23
C TYR A 115 -12.05 -8.97 -27.02
N GLY A 116 -10.96 -9.21 -26.31
CA GLY A 116 -10.58 -8.28 -25.23
C GLY A 116 -9.24 -8.72 -24.69
N VAL A 117 -8.71 -7.93 -23.78
CA VAL A 117 -7.51 -8.24 -23.02
C VAL A 117 -7.86 -8.30 -21.55
N PRO A 118 -7.41 -9.33 -20.80
CA PRO A 118 -7.69 -9.38 -19.37
C PRO A 118 -7.11 -8.12 -18.70
N TRP A 119 -7.93 -7.50 -17.85
CA TRP A 119 -7.55 -6.33 -17.06
C TRP A 119 -7.25 -6.68 -15.61
N TYR A 120 -8.15 -7.36 -14.95
CA TYR A 120 -7.87 -8.02 -13.63
C TYR A 120 -8.68 -9.27 -13.57
N ALA A 121 -8.29 -10.14 -12.65
CA ALA A 121 -8.96 -11.39 -12.31
C ALA A 121 -9.49 -11.27 -10.93
N GLU A 122 -10.46 -12.13 -10.61
CA GLU A 122 -10.87 -12.33 -9.22
C GLU A 122 -11.41 -13.69 -9.01
N THR A 123 -11.35 -14.11 -7.75
CA THR A 123 -12.01 -15.32 -7.29
C THR A 123 -12.63 -15.07 -5.97
N ARG A 124 -13.50 -15.97 -5.54
CA ARG A 124 -14.24 -15.81 -4.29
C ARG A 124 -13.73 -16.70 -3.19
N VAL A 125 -13.52 -16.09 -2.05
CA VAL A 125 -12.97 -16.76 -0.87
C VAL A 125 -13.83 -16.52 0.33
N LEU A 126 -13.56 -17.24 1.45
CA LEU A 126 -14.27 -17.02 2.69
C LEU A 126 -13.63 -15.96 3.52
N PHE A 127 -14.38 -14.96 3.96
CA PHE A 127 -13.96 -13.96 4.89
C PHE A 127 -14.56 -14.35 6.28
N TYR A 128 -13.76 -14.31 7.31
CA TYR A 128 -14.25 -14.70 8.61
C TYR A 128 -13.58 -13.90 9.74
N ARG A 129 -14.36 -13.67 10.80
CA ARG A 129 -13.83 -13.07 12.02
C ARG A 129 -13.10 -14.15 12.83
N THR A 130 -11.78 -14.05 12.95
CA THR A 130 -11.01 -15.07 13.60
C THR A 130 -11.33 -15.19 15.05
N ASP A 131 -11.59 -14.05 15.69
CA ASP A 131 -11.91 -14.04 17.12
C ASP A 131 -13.23 -14.68 17.41
N LEU A 132 -14.24 -14.36 16.61
CA LEU A 132 -15.59 -14.91 16.82
C LEU A 132 -15.66 -16.39 16.47
N LEU A 133 -14.97 -16.81 15.41
CA LEU A 133 -14.90 -18.28 15.15
C LEU A 133 -14.24 -19.03 16.31
N LYS A 134 -13.16 -18.47 16.85
CA LYS A 134 -12.57 -19.13 18.06
C LYS A 134 -13.54 -19.34 19.16
N LYS A 135 -14.33 -18.30 19.44
CA LYS A 135 -15.29 -18.36 20.51
C LYS A 135 -16.35 -19.42 20.30
N VAL A 136 -16.61 -19.86 19.07
CA VAL A 136 -17.48 -21.03 18.83
C VAL A 136 -16.76 -22.32 18.52
N GLY A 137 -15.50 -22.39 18.90
CA GLY A 137 -14.74 -23.60 18.83
C GLY A 137 -13.96 -23.82 17.56
N TYR A 138 -13.87 -22.81 16.68
CA TYR A 138 -13.12 -22.95 15.41
C TYR A 138 -11.83 -22.13 15.43
N ASN A 139 -10.71 -22.84 15.63
CA ASN A 139 -9.44 -22.21 15.64
C ASN A 139 -8.93 -21.93 14.24
N GLU A 140 -9.56 -22.53 13.24
CA GLU A 140 -9.24 -22.26 11.84
C GLU A 140 -10.58 -22.02 11.14
N ALA A 141 -10.54 -21.55 9.90
CA ALA A 141 -11.80 -21.34 9.19
C ALA A 141 -12.50 -22.68 9.02
N PRO A 142 -13.84 -22.65 8.94
CA PRO A 142 -14.59 -23.83 8.48
C PRO A 142 -14.04 -24.37 7.21
N LYS A 143 -13.86 -25.70 7.05
CA LYS A 143 -13.21 -26.24 5.86
C LYS A 143 -14.09 -27.20 5.04
N THR A 144 -15.32 -27.43 5.52
CA THR A 144 -16.31 -28.23 4.82
C THR A 144 -17.68 -27.59 4.91
N TRP A 145 -18.59 -27.98 4.05
CA TRP A 145 -19.99 -27.59 4.15
C TRP A 145 -20.57 -27.85 5.50
N ASP A 146 -20.30 -29.00 6.09
CA ASP A 146 -20.81 -29.33 7.43
C ASP A 146 -20.27 -28.36 8.50
N GLU A 147 -18.95 -28.04 8.43
CA GLU A 147 -18.41 -27.05 9.34
C GLU A 147 -18.94 -25.67 9.11
N LEU A 148 -19.14 -25.24 7.86
CA LEU A 148 -19.68 -23.91 7.63
C LEU A 148 -21.08 -23.80 8.24
N SER A 149 -21.89 -24.80 8.03
CA SER A 149 -23.23 -24.86 8.62
CA SER A 149 -23.24 -24.83 8.61
C SER A 149 -23.16 -24.80 10.16
N ASP A 150 -22.32 -25.62 10.75
CA ASP A 150 -22.21 -25.74 12.18
C ASP A 150 -21.73 -24.42 12.82
N ALA A 151 -20.63 -23.87 12.27
CA ALA A 151 -20.12 -22.58 12.80
C ALA A 151 -21.11 -21.49 12.65
N ALA A 152 -21.78 -21.47 11.49
CA ALA A 152 -22.76 -20.41 11.25
C ALA A 152 -23.89 -20.50 12.23
N LEU A 153 -24.40 -21.70 12.50
CA LEU A 153 -25.51 -21.83 13.38
C LEU A 153 -25.14 -21.43 14.80
N LYS A 154 -23.96 -21.85 15.24
CA LYS A 154 -23.44 -21.43 16.53
C LYS A 154 -23.29 -19.91 16.67
N LEU A 155 -22.78 -19.26 15.64
CA LEU A 155 -22.61 -17.79 15.72
C LEU A 155 -23.98 -17.14 15.74
N SER A 156 -24.98 -17.69 15.05
CA SER A 156 -26.30 -17.08 15.05
C SER A 156 -26.98 -17.10 16.42
N LYS A 157 -26.52 -17.98 17.30
CA LYS A 157 -27.05 -18.03 18.67
C LYS A 157 -26.56 -17.00 19.66
N ARG A 158 -25.70 -16.11 19.21
CA ARG A 158 -25.27 -15.03 20.06
C ARG A 158 -26.43 -14.09 20.36
N GLY A 159 -27.46 -14.11 19.54
CA GLY A 159 -28.61 -13.18 19.77
C GLY A 159 -29.54 -13.16 18.56
N LYS A 160 -30.71 -12.58 18.78
CA LYS A 160 -31.80 -12.62 17.80
C LYS A 160 -31.37 -11.91 16.48
N ASP A 161 -30.59 -10.86 16.62
CA ASP A 161 -30.15 -10.07 15.47
C ASP A 161 -28.69 -10.30 15.14
N MET A 162 -28.17 -11.48 15.50
CA MET A 162 -26.84 -11.87 15.14
C MET A 162 -26.97 -13.06 14.20
N TYR A 163 -26.05 -13.13 13.28
CA TYR A 163 -26.04 -14.19 12.26
C TYR A 163 -24.72 -14.93 12.20
N GLY A 164 -24.61 -15.86 11.23
CA GLY A 164 -23.43 -16.63 11.05
C GLY A 164 -22.83 -16.61 9.68
N PHE A 165 -23.59 -16.36 8.63
CA PHE A 165 -23.04 -16.43 7.24
C PHE A 165 -23.95 -15.67 6.30
N ALA A 166 -23.48 -14.95 5.34
CA ALA A 166 -24.34 -14.24 4.41
C ALA A 166 -24.42 -15.03 3.10
N ILE A 167 -25.65 -15.09 2.57
CA ILE A 167 -25.89 -15.62 1.23
C ILE A 167 -26.49 -14.43 0.49
N ASP A 168 -25.77 -13.91 -0.49
CA ASP A 168 -26.26 -12.73 -1.19
C ASP A 168 -27.25 -13.17 -2.29
N PRO A 169 -28.52 -12.85 -2.19
CA PRO A 169 -29.48 -13.31 -3.16
C PRO A 169 -29.37 -12.76 -4.56
N ASN A 170 -28.53 -11.75 -4.72
CA ASN A 170 -28.30 -11.18 -6.05
C ASN A 170 -26.91 -11.37 -6.58
N GLU A 171 -26.12 -12.15 -5.85
CA GLU A 171 -24.79 -12.56 -6.31
C GLU A 171 -24.93 -13.72 -7.30
N GLN A 172 -24.65 -13.46 -8.57
CA GLN A 172 -24.83 -14.42 -9.66
C GLN A 172 -24.06 -15.68 -9.45
N THR A 173 -22.90 -15.61 -8.78
CA THR A 173 -22.03 -16.78 -8.68
C THR A 173 -22.43 -17.74 -7.58
N THR A 174 -23.19 -17.33 -6.57
CA THR A 174 -23.23 -18.15 -5.34
C THR A 174 -23.84 -19.54 -5.53
N GLY A 175 -25.06 -19.62 -6.06
CA GLY A 175 -25.69 -20.91 -6.24
C GLY A 175 -24.85 -21.81 -7.12
N PHE A 176 -24.32 -21.25 -8.20
CA PHE A 176 -23.55 -22.02 -9.17
C PHE A 176 -22.17 -22.48 -8.57
N ILE A 177 -21.54 -21.67 -7.72
CA ILE A 177 -20.34 -22.11 -7.08
C ILE A 177 -20.63 -23.34 -6.19
N PHE A 178 -21.61 -23.21 -5.29
CA PHE A 178 -21.93 -24.28 -4.39
C PHE A 178 -22.34 -25.52 -5.21
N GLY A 179 -23.12 -25.32 -6.31
CA GLY A 179 -23.52 -26.46 -7.11
C GLY A 179 -22.40 -27.29 -7.61
N ARG A 180 -21.38 -26.60 -8.14
CA ARG A 180 -20.18 -27.32 -8.66
CA ARG A 180 -20.18 -27.32 -8.65
C ARG A 180 -19.45 -28.01 -7.52
N GLN A 181 -19.46 -27.42 -6.34
CA GLN A 181 -18.83 -28.09 -5.13
C GLN A 181 -19.49 -29.40 -4.74
N ASN A 182 -20.80 -29.54 -5.04
CA ASN A 182 -21.49 -30.75 -4.82
C ASN A 182 -21.54 -31.64 -6.08
N GLY A 183 -20.68 -31.33 -7.04
CA GLY A 183 -20.48 -32.17 -8.19
C GLY A 183 -21.50 -31.90 -9.35
N SER A 184 -22.29 -30.84 -9.33
CA SER A 184 -23.15 -30.50 -10.45
C SER A 184 -22.31 -29.85 -11.54
N PRO A 185 -22.40 -30.35 -12.78
CA PRO A 185 -21.74 -29.59 -13.86
C PRO A 185 -22.50 -28.36 -14.32
N LEU A 186 -23.70 -28.15 -13.78
CA LEU A 186 -24.64 -27.10 -14.18
C LEU A 186 -25.31 -27.38 -15.51
N PHE A 187 -24.51 -27.56 -16.57
CA PHE A 187 -24.95 -28.03 -17.85
C PHE A 187 -24.17 -29.32 -18.10
N ASP A 188 -24.81 -30.34 -18.57
CA ASP A 188 -24.11 -31.57 -18.83
C ASP A 188 -23.34 -31.49 -20.17
N LYS A 189 -22.72 -32.61 -20.54
CA LYS A 189 -21.85 -32.62 -21.73
C LYS A 189 -22.61 -32.16 -22.97
N ASP A 190 -23.89 -32.57 -23.07
CA ASP A 190 -24.82 -32.20 -24.15
C ASP A 190 -25.30 -30.75 -24.16
N GLY A 191 -24.96 -29.95 -23.15
CA GLY A 191 -25.48 -28.59 -23.02
C GLY A 191 -26.80 -28.50 -22.26
N THR A 192 -27.30 -29.63 -21.78
CA THR A 192 -28.59 -29.70 -21.14
C THR A 192 -28.42 -29.19 -19.70
N PRO A 193 -29.23 -28.18 -19.29
CA PRO A 193 -29.18 -27.83 -17.88
C PRO A 193 -29.61 -28.97 -16.92
N VAL A 194 -28.90 -29.05 -15.81
CA VAL A 194 -29.13 -30.10 -14.79
C VAL A 194 -29.39 -29.53 -13.42
N PHE A 195 -30.03 -28.35 -13.41
CA PHE A 195 -30.37 -27.68 -12.17
C PHE A 195 -31.42 -28.41 -11.32
N ASN A 196 -32.23 -29.24 -11.98
CA ASN A 196 -33.21 -30.06 -11.27
C ASN A 196 -32.77 -31.46 -10.94
N LYS A 197 -31.49 -31.77 -11.15
CA LYS A 197 -30.94 -33.07 -10.70
C LYS A 197 -30.38 -32.97 -9.28
N LYS A 198 -30.21 -34.14 -8.66
CA LYS A 198 -29.97 -34.18 -7.23
C LYS A 198 -28.74 -33.31 -6.77
N PRO A 199 -27.60 -33.34 -7.48
CA PRO A 199 -26.46 -32.53 -7.00
C PRO A 199 -26.83 -31.06 -6.80
N PHE A 200 -27.57 -30.47 -7.75
CA PHE A 200 -27.92 -29.09 -7.63
C PHE A 200 -29.06 -28.87 -6.68
N VAL A 201 -30.07 -29.69 -6.76
CA VAL A 201 -31.21 -29.60 -5.82
C VAL A 201 -30.77 -29.64 -4.36
N ASP A 202 -29.88 -30.58 -4.06
CA ASP A 202 -29.34 -30.68 -2.71
C ASP A 202 -28.52 -29.44 -2.34
N THR A 203 -27.82 -28.85 -3.32
CA THR A 203 -27.09 -27.62 -3.06
C THR A 203 -28.04 -26.56 -2.63
N VAL A 204 -29.16 -26.38 -3.35
CA VAL A 204 -30.07 -25.29 -3.01
C VAL A 204 -30.74 -25.58 -1.67
N THR A 205 -31.05 -26.84 -1.39
CA THR A 205 -31.55 -27.19 -0.03
C THR A 205 -30.53 -26.79 1.05
N TYR A 206 -29.26 -27.10 0.79
CA TYR A 206 -28.20 -26.73 1.70
C TYR A 206 -28.17 -25.21 1.97
N LEU A 207 -28.16 -24.40 0.89
CA LEU A 207 -28.13 -22.95 1.05
C LEU A 207 -29.39 -22.48 1.80
N ASP A 208 -30.58 -23.02 1.44
CA ASP A 208 -31.83 -22.66 2.14
C ASP A 208 -31.76 -23.03 3.62
N SER A 209 -30.97 -24.02 4.02
CA SER A 209 -30.90 -24.45 5.42
C SER A 209 -30.47 -23.29 6.29
N PHE A 210 -29.60 -22.42 5.71
CA PHE A 210 -29.05 -21.25 6.53
C PHE A 210 -30.14 -20.25 6.74
N ILE A 211 -31.00 -20.05 5.74
CA ILE A 211 -32.14 -19.15 5.89
C ILE A 211 -33.12 -19.71 6.90
N LYS A 212 -33.48 -20.99 6.73
CA LYS A 212 -34.47 -21.64 7.59
C LYS A 212 -34.04 -21.67 9.03
N ASN A 213 -32.75 -21.81 9.31
CA ASN A 213 -32.32 -21.88 10.66
C ASN A 213 -31.90 -20.58 11.29
N GLY A 214 -32.02 -19.49 10.52
CA GLY A 214 -31.77 -18.15 11.05
C GLY A 214 -30.31 -17.75 11.04
N SER A 215 -29.41 -18.56 10.45
CA SER A 215 -28.01 -18.24 10.51
C SER A 215 -27.57 -17.32 9.33
N ALA A 216 -28.37 -17.24 8.26
CA ALA A 216 -28.16 -16.25 7.18
C ALA A 216 -29.33 -15.28 7.15
N PRO A 217 -29.09 -14.00 6.97
CA PRO A 217 -30.22 -13.08 6.99
C PRO A 217 -31.12 -13.27 5.79
N ASP A 218 -32.43 -13.12 6.04
CA ASP A 218 -33.39 -13.32 4.98
C ASP A 218 -33.91 -12.05 4.36
N THR A 219 -33.26 -10.95 4.67
CA THR A 219 -33.50 -9.67 4.06
C THR A 219 -32.17 -8.90 4.03
N ASP A 220 -32.13 -7.80 3.28
CA ASP A 220 -31.01 -6.93 3.27
C ASP A 220 -31.06 -6.06 4.52
N LEU A 221 -30.03 -6.17 5.36
CA LEU A 221 -29.98 -5.48 6.60
C LEU A 221 -29.59 -4.06 6.34
N GLY A 222 -29.03 -3.70 5.16
CA GLY A 222 -28.78 -2.27 4.92
C GLY A 222 -27.49 -1.75 5.63
N LEU A 223 -26.59 -2.67 6.02
CA LEU A 223 -25.32 -2.32 6.69
C LEU A 223 -24.20 -2.32 5.66
N ASP A 224 -23.22 -1.45 5.83
CA ASP A 224 -22.00 -1.57 5.01
C ASP A 224 -21.06 -2.62 5.63
N ALA A 225 -19.98 -2.93 4.93
CA ALA A 225 -19.13 -4.09 5.40
C ALA A 225 -18.56 -3.86 6.79
N SER A 226 -18.13 -2.65 7.13
CA SER A 226 -17.58 -2.41 8.49
C SER A 226 -18.67 -2.58 9.53
N GLN A 227 -19.92 -2.23 9.24
CA GLN A 227 -20.95 -2.33 10.24
C GLN A 227 -21.41 -3.80 10.38
N SER A 228 -21.40 -4.60 9.33
CA SER A 228 -21.90 -5.94 9.48
C SER A 228 -20.79 -6.91 9.94
N PHE A 229 -19.61 -6.77 9.40
CA PHE A 229 -18.51 -7.69 9.69
C PHE A 229 -17.62 -7.11 10.81
N GLY A 230 -17.50 -5.80 10.92
CA GLY A 230 -16.76 -5.20 11.99
C GLY A 230 -17.55 -5.17 13.27
N GLY A 231 -17.08 -4.38 14.23
CA GLY A 231 -17.75 -4.32 15.54
C GLY A 231 -17.95 -5.66 16.19
N ASP A 232 -19.18 -5.96 16.60
CA ASP A 232 -19.46 -7.28 17.18
C ASP A 232 -19.76 -8.39 16.16
N GLY A 233 -19.61 -8.11 14.88
CA GLY A 233 -19.66 -9.15 13.86
C GLY A 233 -21.08 -9.73 13.71
N ILE A 234 -22.03 -8.87 13.43
CA ILE A 234 -23.42 -9.24 13.08
C ILE A 234 -23.41 -10.34 12.01
N VAL A 235 -22.64 -10.15 10.97
CA VAL A 235 -22.49 -11.17 9.94
C VAL A 235 -21.00 -11.53 9.92
N PRO A 236 -20.61 -12.63 10.53
CA PRO A 236 -19.18 -12.80 10.89
C PRO A 236 -18.43 -13.66 9.85
N MET A 237 -19.14 -14.16 8.86
CA MET A 237 -18.56 -14.91 7.69
C MET A 237 -19.34 -14.54 6.41
N PHE A 238 -18.62 -14.45 5.29
CA PHE A 238 -19.23 -14.13 4.00
C PHE A 238 -18.27 -14.56 2.90
N MET A 239 -18.75 -14.51 1.66
CA MET A 239 -17.90 -14.76 0.51
C MET A 239 -17.75 -13.53 -0.35
N SER A 240 -16.50 -13.25 -0.74
CA SER A 240 -16.27 -12.16 -1.65
C SER A 240 -14.89 -12.31 -2.30
N GLY A 241 -14.56 -11.27 -3.07
CA GLY A 241 -13.31 -11.18 -3.76
C GLY A 241 -12.30 -10.19 -3.21
N PRO A 242 -11.26 -9.89 -4.00
CA PRO A 242 -10.23 -8.96 -3.60
C PRO A 242 -10.74 -7.61 -3.19
N TRP A 243 -11.82 -7.15 -3.86
CA TRP A 243 -12.30 -5.79 -3.58
C TRP A 243 -12.78 -5.67 -2.17
N MET A 244 -13.17 -6.76 -1.52
CA MET A 244 -13.59 -6.69 -0.13
C MET A 244 -12.36 -6.70 0.85
N VAL A 245 -11.19 -7.24 0.45
CA VAL A 245 -9.98 -7.03 1.23
C VAL A 245 -9.69 -5.55 1.24
N ASN A 246 -9.70 -4.92 0.06
CA ASN A 246 -9.45 -3.45 -0.01
C ASN A 246 -10.44 -2.67 0.82
N THR A 247 -11.72 -3.04 0.70
CA THR A 247 -12.79 -2.32 1.46
C THR A 247 -12.53 -2.43 2.95
N LEU A 248 -12.33 -3.64 3.46
CA LEU A 248 -12.14 -3.84 4.88
C LEU A 248 -10.85 -3.19 5.42
N LYS A 249 -9.77 -3.27 4.61
CA LYS A 249 -8.57 -2.55 5.03
C LYS A 249 -8.82 -1.07 5.10
N ASP A 250 -9.60 -0.48 4.20
CA ASP A 250 -9.83 0.95 4.17
C ASP A 250 -10.88 1.41 5.20
N THR A 251 -11.76 0.53 5.67
CA THR A 251 -12.97 1.01 6.36
C THR A 251 -13.27 0.34 7.73
N ALA A 252 -12.53 -0.71 8.09
CA ALA A 252 -12.84 -1.45 9.32
C ALA A 252 -11.63 -1.56 10.25
N PRO A 253 -11.10 -0.44 10.74
CA PRO A 253 -9.88 -0.52 11.57
C PRO A 253 -10.06 -1.22 12.92
N ASP A 254 -11.27 -1.23 13.44
CA ASP A 254 -11.58 -1.79 14.74
C ASP A 254 -11.38 -3.32 14.73
N ILE A 255 -11.40 -3.96 13.58
CA ILE A 255 -11.15 -5.40 13.50
C ILE A 255 -9.84 -5.73 12.86
N ASP A 256 -8.91 -4.76 12.78
CA ASP A 256 -7.58 -5.08 12.31
C ASP A 256 -6.98 -6.21 13.22
N GLY A 257 -6.53 -7.31 12.63
CA GLY A 257 -5.98 -8.45 13.36
C GLY A 257 -7.00 -9.42 13.87
N LYS A 258 -8.27 -9.19 13.53
CA LYS A 258 -9.38 -10.02 14.04
C LYS A 258 -10.19 -10.66 12.88
N TRP A 259 -9.71 -10.57 11.66
CA TRP A 259 -10.34 -11.23 10.52
C TRP A 259 -9.29 -11.74 9.58
N ALA A 260 -9.70 -12.70 8.79
CA ALA A 260 -8.78 -13.25 7.75
C ALA A 260 -9.61 -13.77 6.62
N THR A 261 -8.95 -14.21 5.56
CA THR A 261 -9.62 -14.95 4.46
C THR A 261 -9.11 -16.41 4.56
N ALA A 262 -9.88 -17.26 3.90
CA ALA A 262 -9.51 -18.70 3.75
C ALA A 262 -10.09 -19.17 2.48
N VAL A 263 -9.54 -20.25 1.94
CA VAL A 263 -10.17 -20.89 0.79
C VAL A 263 -11.57 -21.35 1.17
N LEU A 264 -12.39 -21.53 0.13
CA LEU A 264 -13.79 -21.96 0.38
C LEU A 264 -13.85 -23.31 1.04
N PRO A 265 -14.83 -23.48 1.89
CA PRO A 265 -15.09 -24.86 2.42
C PRO A 265 -15.43 -25.84 1.30
N LYS A 266 -15.10 -27.10 1.54
CA LYS A 266 -15.31 -28.13 0.56
C LYS A 266 -16.58 -28.94 0.77
N LYS A 267 -17.18 -29.44 -0.33
CA LYS A 267 -18.15 -30.52 -0.26
C LYS A 267 -17.50 -31.76 -0.96
N GLU A 268 -17.77 -32.02 -2.22
CA GLU A 268 -16.90 -32.87 -3.04
C GLU A 268 -15.60 -32.18 -3.36
N ASN A 269 -15.69 -30.87 -3.61
CA ASN A 269 -14.58 -30.00 -3.92
C ASN A 269 -14.88 -28.64 -3.32
N ASN A 270 -13.88 -27.72 -3.40
CA ASN A 270 -14.06 -26.37 -2.91
C ASN A 270 -13.86 -25.36 -4.07
N GLU A 271 -14.17 -25.74 -5.31
N GLU A 271 -14.17 -25.74 -5.31
CA GLU A 271 -13.97 -24.88 -6.48
CA GLU A 271 -13.99 -24.87 -6.49
C GLU A 271 -14.68 -23.56 -6.24
C GLU A 271 -14.68 -23.56 -6.24
N SER A 272 -14.08 -22.47 -6.70
CA SER A 272 -14.69 -21.14 -6.66
C SER A 272 -14.88 -20.69 -8.10
N SER A 273 -15.41 -19.50 -8.31
CA SER A 273 -15.50 -18.91 -9.59
C SER A 273 -14.27 -18.11 -9.96
N LEU A 274 -13.98 -18.07 -11.27
CA LEU A 274 -13.01 -17.13 -11.84
C LEU A 274 -13.74 -16.09 -12.58
N GLY A 275 -13.53 -14.83 -12.13
CA GLY A 275 -14.12 -13.65 -12.78
C GLY A 275 -13.13 -12.52 -13.04
N GLY A 276 -13.64 -11.33 -12.99
CA GLY A 276 -12.86 -10.09 -13.25
C GLY A 276 -13.40 -9.35 -14.40
N ALA A 277 -12.49 -8.65 -15.09
CA ALA A 277 -12.92 -7.80 -16.20
C ALA A 277 -11.86 -7.74 -17.24
N ASN A 278 -12.31 -7.58 -18.48
CA ASN A 278 -11.46 -7.37 -19.64
C ASN A 278 -11.57 -5.98 -20.15
N LEU A 279 -10.62 -5.54 -20.92
CA LEU A 279 -10.85 -4.32 -21.75
C LEU A 279 -11.12 -4.75 -23.17
N SER A 280 -12.18 -4.18 -23.77
CA SER A 280 -12.58 -4.49 -25.15
C SER A 280 -12.86 -3.22 -25.93
N ILE A 281 -12.87 -3.33 -27.25
CA ILE A 281 -13.17 -2.15 -28.10
C ILE A 281 -14.63 -2.32 -28.60
N PHE A 282 -15.48 -1.35 -28.37
CA PHE A 282 -16.87 -1.36 -28.91
C PHE A 282 -16.80 -1.34 -30.42
N LYS A 283 -17.56 -2.22 -31.05
CA LYS A 283 -17.41 -2.47 -32.46
C LYS A 283 -17.68 -1.22 -33.31
N TYR A 284 -18.57 -0.35 -32.82
CA TYR A 284 -19.01 0.79 -33.55
C TYR A 284 -18.09 1.99 -33.31
N SER A 285 -17.02 1.82 -32.53
CA SER A 285 -16.12 2.96 -32.25
C SER A 285 -15.46 3.49 -33.57
N ASN A 286 -15.40 4.82 -33.68
CA ASN A 286 -14.56 5.44 -34.70
C ASN A 286 -13.21 5.85 -34.17
N LYS A 287 -12.78 5.26 -33.07
CA LYS A 287 -11.48 5.55 -32.49
C LYS A 287 -10.74 4.29 -32.15
N LYS A 288 -10.77 3.34 -33.06
CA LYS A 288 -10.23 2.02 -32.74
C LYS A 288 -8.72 2.09 -32.47
N ASP A 289 -8.00 2.91 -33.24
CA ASP A 289 -6.57 2.97 -33.04
C ASP A 289 -6.22 3.50 -31.64
N ASP A 290 -6.89 4.58 -31.26
CA ASP A 290 -6.58 5.18 -29.96
C ASP A 290 -7.07 4.29 -28.82
N ALA A 291 -8.17 3.57 -29.08
CA ALA A 291 -8.66 2.55 -28.12
C ALA A 291 -7.59 1.51 -27.88
N LEU A 292 -6.97 0.97 -28.93
CA LEU A 292 -5.92 0.03 -28.76
C LEU A 292 -4.73 0.60 -28.03
N LYS A 293 -4.32 1.84 -28.36
CA LYS A 293 -3.22 2.47 -27.61
C LYS A 293 -3.46 2.54 -26.14
N PHE A 294 -4.68 2.90 -25.78
CA PHE A 294 -5.07 2.98 -24.40
C PHE A 294 -4.98 1.63 -23.74
N MET A 295 -5.49 0.59 -24.40
CA MET A 295 -5.48 -0.73 -23.81
C MET A 295 -4.04 -1.24 -23.64
N ASP A 296 -3.20 -0.95 -24.63
CA ASP A 296 -1.81 -1.40 -24.58
C ASP A 296 -1.13 -0.72 -23.43
N TYR A 297 -1.31 0.61 -23.31
CA TYR A 297 -0.72 1.35 -22.21
C TYR A 297 -1.15 0.81 -20.84
N MET A 298 -2.45 0.58 -20.69
CA MET A 298 -2.98 0.11 -19.42
C MET A 298 -2.56 -1.35 -19.14
N SER A 299 -2.10 -2.09 -20.14
CA SER A 299 -1.58 -3.44 -19.95
C SER A 299 -0.10 -3.51 -19.66
N GLN A 300 0.59 -2.36 -19.68
CA GLN A 300 2.01 -2.35 -19.26
C GLN A 300 2.16 -2.98 -17.88
N PRO A 301 3.11 -3.91 -17.72
CA PRO A 301 3.03 -4.72 -16.47
C PRO A 301 3.27 -3.88 -15.21
N ASP A 302 4.10 -2.85 -15.33
CA ASP A 302 4.38 -1.98 -14.17
C ASP A 302 3.20 -1.04 -13.85
N VAL A 303 2.52 -0.54 -14.86
CA VAL A 303 1.30 0.27 -14.71
C VAL A 303 0.25 -0.60 -14.01
N GLN A 304 0.10 -1.82 -14.50
CA GLN A 304 -0.86 -2.79 -13.87
C GLN A 304 -0.54 -3.08 -12.46
N LEU A 305 0.69 -3.53 -12.21
CA LEU A 305 1.03 -3.95 -10.87
C LEU A 305 0.85 -2.83 -9.84
N SER A 306 1.11 -1.59 -10.25
CA SER A 306 0.94 -0.43 -9.38
C SER A 306 -0.46 -0.40 -8.74
N TRP A 307 -1.49 -0.33 -9.59
CA TRP A 307 -2.84 -0.19 -9.09
C TRP A 307 -3.34 -1.50 -8.53
N LEU A 308 -2.95 -2.63 -9.11
CA LEU A 308 -3.37 -3.92 -8.55
C LEU A 308 -2.93 -4.11 -7.12
N LYS A 309 -1.64 -3.94 -6.85
CA LYS A 309 -1.14 -4.13 -5.48
C LYS A 309 -1.76 -3.08 -4.56
N ASP A 310 -1.94 -1.86 -5.02
CA ASP A 310 -2.54 -0.80 -4.14
C ASP A 310 -3.97 -1.13 -3.66
N THR A 311 -4.67 -1.88 -4.47
CA THR A 311 -6.07 -2.29 -4.21
C THR A 311 -6.22 -3.77 -3.82
N ASN A 312 -5.12 -4.46 -3.54
CA ASN A 312 -5.13 -5.91 -3.23
C ASN A 312 -5.80 -6.74 -4.33
N SER A 313 -5.85 -6.23 -5.55
CA SER A 313 -6.51 -6.93 -6.67
C SER A 313 -5.60 -7.97 -7.26
N MET A 314 -6.22 -8.95 -7.90
CA MET A 314 -5.53 -10.08 -8.56
C MET A 314 -5.16 -9.74 -10.00
N PRO A 315 -3.85 -9.82 -10.31
CA PRO A 315 -3.49 -9.75 -11.75
C PRO A 315 -3.99 -10.97 -12.52
N ALA A 316 -4.41 -10.73 -13.77
CA ALA A 316 -4.70 -11.86 -14.65
C ALA A 316 -3.43 -12.30 -15.42
N ARG A 317 -2.41 -11.46 -15.34
CA ARG A 317 -1.11 -11.66 -15.98
C ARG A 317 -0.29 -12.60 -15.09
N MET A 318 0.19 -13.72 -15.64
CA MET A 318 0.73 -14.75 -14.77
C MET A 318 2.05 -14.36 -14.06
N ASP A 319 2.97 -13.72 -14.81
CA ASP A 319 4.27 -13.37 -14.24
C ASP A 319 4.22 -12.36 -13.12
N ALA A 320 3.13 -11.60 -12.98
CA ALA A 320 2.91 -10.74 -11.85
C ALA A 320 2.91 -11.46 -10.49
N TRP A 321 2.55 -12.75 -10.53
CA TRP A 321 2.43 -13.52 -9.31
C TRP A 321 3.79 -13.88 -8.74
N GLU A 322 4.87 -13.56 -9.46
CA GLU A 322 6.21 -13.78 -8.88
C GLU A 322 6.61 -12.61 -7.99
N ASP A 323 5.90 -11.50 -8.03
CA ASP A 323 6.17 -10.34 -7.21
C ASP A 323 6.17 -10.76 -5.75
N ASP A 324 7.12 -10.25 -4.97
CA ASP A 324 7.25 -10.61 -3.56
C ASP A 324 5.98 -10.46 -2.73
N MET A 325 5.19 -9.41 -2.99
CA MET A 325 3.96 -9.20 -2.25
C MET A 325 2.91 -10.25 -2.60
N LEU A 326 2.79 -10.59 -3.87
CA LEU A 326 1.84 -11.59 -4.28
C LEU A 326 2.18 -13.01 -3.80
N LYS A 327 3.46 -13.24 -3.56
CA LYS A 327 3.87 -14.53 -3.04
C LYS A 327 3.70 -14.56 -1.52
N ASN A 328 3.93 -13.44 -0.82
CA ASN A 328 4.07 -13.47 0.64
C ASN A 328 2.95 -12.82 1.46
N ASP A 329 2.11 -12.00 0.82
CA ASP A 329 1.04 -11.37 1.56
C ASP A 329 -0.07 -12.38 1.86
N PRO A 330 -0.63 -12.39 3.08
CA PRO A 330 -1.57 -13.45 3.45
C PRO A 330 -2.80 -13.48 2.58
N TYR A 331 -3.30 -12.32 2.15
CA TYR A 331 -4.48 -12.29 1.31
C TYR A 331 -4.20 -12.81 -0.07
N TYR A 332 -3.05 -12.41 -0.68
CA TYR A 332 -2.71 -12.92 -1.97
C TYR A 332 -2.41 -14.41 -1.92
N LYS A 333 -1.83 -14.91 -0.80
CA LYS A 333 -1.59 -16.41 -0.72
C LYS A 333 -2.91 -17.10 -0.84
N VAL A 334 -3.94 -16.70 -0.12
CA VAL A 334 -5.26 -17.31 -0.20
C VAL A 334 -5.91 -17.18 -1.59
N PHE A 335 -5.84 -15.97 -2.19
CA PHE A 335 -6.40 -15.84 -3.49
C PHE A 335 -5.68 -16.72 -4.52
N GLY A 336 -4.35 -16.76 -4.43
CA GLY A 336 -3.60 -17.58 -5.35
C GLY A 336 -3.89 -19.04 -5.22
N GLU A 337 -4.09 -19.52 -4.00
CA GLU A 337 -4.41 -20.89 -3.80
C GLU A 337 -5.81 -21.22 -4.42
N GLN A 338 -6.76 -20.38 -4.12
CA GLN A 338 -8.13 -20.52 -4.63
C GLN A 338 -8.15 -20.45 -6.14
N MET A 339 -7.30 -19.57 -6.72
CA MET A 339 -7.33 -19.38 -8.19
C MET A 339 -6.93 -20.70 -8.92
N LYS A 340 -6.17 -21.53 -8.25
CA LYS A 340 -5.62 -22.74 -8.92
C LYS A 340 -6.73 -23.56 -9.55
N THR A 341 -7.89 -23.62 -8.86
CA THR A 341 -9.02 -24.42 -9.31
C THR A 341 -10.26 -23.60 -9.67
N ALA A 342 -10.12 -22.29 -9.76
CA ALA A 342 -11.27 -21.45 -10.02
C ALA A 342 -11.67 -21.54 -11.46
N GLU A 343 -12.95 -21.64 -11.77
CA GLU A 343 -13.46 -21.73 -13.13
C GLU A 343 -14.50 -20.66 -13.41
N PRO A 344 -14.42 -20.06 -14.60
CA PRO A 344 -15.46 -19.16 -14.98
C PRO A 344 -16.84 -19.76 -14.84
N MET A 345 -17.78 -18.88 -14.50
CA MET A 345 -19.19 -19.25 -14.76
C MET A 345 -19.38 -19.72 -16.18
N PRO A 346 -20.42 -20.55 -16.46
CA PRO A 346 -20.64 -21.02 -17.82
C PRO A 346 -20.57 -19.86 -18.84
N LEU A 347 -19.69 -20.01 -19.80
CA LEU A 347 -19.37 -19.01 -20.80
C LEU A 347 -20.37 -19.05 -21.96
N ILE A 348 -21.58 -18.68 -21.67
CA ILE A 348 -22.74 -18.79 -22.58
C ILE A 348 -23.39 -17.45 -22.68
N PRO A 349 -23.96 -17.16 -23.87
CA PRO A 349 -24.43 -15.78 -24.13
C PRO A 349 -25.63 -15.37 -23.29
N GLN A 350 -26.33 -16.33 -22.67
CA GLN A 350 -27.44 -16.01 -21.80
C GLN A 350 -27.16 -16.08 -20.31
N PHE A 351 -25.89 -16.03 -19.95
CA PHE A 351 -25.54 -16.28 -18.57
C PHE A 351 -26.26 -15.34 -17.64
N GLU A 352 -26.20 -14.04 -17.90
CA GLU A 352 -26.79 -13.10 -16.96
C GLU A 352 -28.29 -13.31 -16.77
N GLU A 353 -28.98 -13.57 -17.86
CA GLU A 353 -30.41 -13.81 -17.78
C GLU A 353 -30.71 -15.12 -16.96
N ILE A 354 -29.91 -16.14 -17.18
CA ILE A 354 -30.00 -17.38 -16.42
C ILE A 354 -29.70 -17.14 -14.94
N ALA A 355 -28.65 -16.38 -14.65
CA ALA A 355 -28.36 -16.04 -13.28
C ALA A 355 -29.54 -15.27 -12.61
N GLN A 356 -30.10 -14.32 -13.33
CA GLN A 356 -31.26 -13.57 -12.79
C GLN A 356 -32.47 -14.48 -12.56
N LEU A 357 -32.68 -15.47 -13.45
CA LEU A 357 -33.67 -16.46 -13.27
C LEU A 357 -33.37 -17.31 -12.03
N TYR A 358 -32.09 -17.65 -11.80
CA TYR A 358 -31.73 -18.40 -10.61
C TYR A 358 -32.16 -17.55 -9.42
N GLY A 359 -31.83 -16.25 -9.49
CA GLY A 359 -32.21 -15.34 -8.41
C GLY A 359 -33.69 -15.35 -8.02
N LYS A 360 -34.52 -15.32 -9.04
CA LYS A 360 -36.00 -15.34 -8.82
C LYS A 360 -36.44 -16.64 -8.16
N SER A 361 -35.91 -17.76 -8.66
CA SER A 361 -36.19 -19.08 -8.09
C SER A 361 -35.68 -19.23 -6.66
N TRP A 362 -34.47 -18.72 -6.42
CA TRP A 362 -33.94 -18.71 -5.07
C TRP A 362 -34.88 -17.91 -4.11
N GLU A 363 -35.36 -16.75 -4.58
CA GLU A 363 -36.29 -15.93 -3.79
C GLU A 363 -37.64 -16.65 -3.54
N GLN A 364 -38.19 -17.31 -4.53
CA GLN A 364 -39.38 -18.15 -4.31
C GLN A 364 -39.16 -19.19 -3.20
N ILE A 365 -37.98 -19.80 -3.16
CA ILE A 365 -37.59 -20.73 -2.12
C ILE A 365 -37.34 -20.05 -0.75
N TYR A 366 -36.39 -19.11 -0.66
CA TYR A 366 -35.99 -18.62 0.63
C TYR A 366 -37.01 -17.68 1.27
N ARG A 367 -37.77 -16.98 0.46
CA ARG A 367 -38.74 -16.03 0.95
C ARG A 367 -40.16 -16.54 0.76
N GLY A 368 -40.39 -17.23 -0.34
CA GLY A 368 -41.72 -17.74 -0.68
C GLY A 368 -42.01 -19.10 -0.10
N GLY A 369 -41.02 -19.87 0.28
CA GLY A 369 -41.23 -21.16 0.95
C GLY A 369 -41.48 -22.26 -0.08
N ALA A 370 -41.15 -22.02 -1.34
CA ALA A 370 -41.37 -23.01 -2.42
C ALA A 370 -40.53 -24.23 -2.16
N ASP A 371 -41.03 -25.36 -2.63
CA ASP A 371 -40.31 -26.61 -2.52
C ASP A 371 -39.11 -26.51 -3.49
N VAL A 372 -37.91 -26.95 -3.04
CA VAL A 372 -36.73 -26.76 -3.82
C VAL A 372 -36.78 -27.57 -5.12
N GLN A 373 -37.13 -28.83 -5.05
CA GLN A 373 -37.21 -29.67 -6.25
C GLN A 373 -38.19 -29.08 -7.26
N THR A 374 -39.36 -28.75 -6.80
CA THR A 374 -40.36 -28.16 -7.65
C THR A 374 -39.88 -26.85 -8.28
N GLN A 375 -39.25 -26.02 -7.50
CA GLN A 375 -38.80 -24.75 -8.09
C GLN A 375 -37.64 -24.99 -9.05
N MET A 376 -36.76 -25.95 -8.73
CA MET A 376 -35.67 -26.25 -9.65
C MET A 376 -36.18 -26.87 -10.97
N ASP A 377 -37.24 -27.69 -10.92
CA ASP A 377 -37.92 -28.16 -12.16
C ASP A 377 -38.38 -27.00 -13.03
N THR A 378 -39.06 -26.00 -12.42
CA THR A 378 -39.41 -24.76 -13.11
C THR A 378 -38.24 -24.00 -13.71
N PHE A 379 -37.21 -23.77 -12.89
CA PHE A 379 -36.03 -23.06 -13.29
C PHE A 379 -35.34 -23.82 -14.43
N ASN A 380 -35.18 -25.14 -14.32
CA ASN A 380 -34.49 -25.87 -15.37
C ASN A 380 -35.30 -25.73 -16.73
N ASP A 381 -36.60 -25.83 -16.66
CA ASP A 381 -37.43 -25.61 -17.85
C ASP A 381 -37.27 -24.22 -18.45
N GLN A 382 -37.17 -23.19 -17.61
CA GLN A 382 -36.94 -21.85 -18.08
C GLN A 382 -35.61 -21.75 -18.83
N VAL A 383 -34.55 -22.31 -18.23
CA VAL A 383 -33.29 -22.31 -18.87
C VAL A 383 -33.33 -23.03 -20.23
N GLU A 384 -33.92 -24.24 -20.26
CA GLU A 384 -34.01 -24.98 -21.55
C GLU A 384 -34.72 -24.17 -22.60
N ALA A 385 -35.77 -23.45 -22.19
CA ALA A 385 -36.51 -22.61 -23.09
C ALA A 385 -35.65 -21.47 -23.66
N LEU A 386 -34.83 -20.85 -22.79
CA LEU A 386 -33.93 -19.82 -23.26
C LEU A 386 -32.96 -20.37 -24.26
N LEU A 387 -32.36 -21.53 -23.97
CA LEU A 387 -31.38 -22.10 -24.87
C LEU A 387 -31.98 -22.39 -26.23
N LYS A 388 -33.23 -22.91 -26.24
CA LYS A 388 -33.91 -23.22 -27.53
C LYS A 388 -34.16 -21.93 -28.32
N LYS A 389 -34.53 -20.88 -27.59
CA LYS A 389 -34.84 -19.57 -28.21
C LYS A 389 -33.60 -19.02 -28.88
N LEU A 390 -32.42 -19.19 -28.25
CA LEU A 390 -31.19 -18.80 -28.90
C LEU A 390 -30.81 -19.64 -30.07
N GLU A 391 -30.91 -20.97 -29.92
CA GLU A 391 -30.63 -21.90 -31.03
C GLU A 391 -31.42 -21.50 -32.29
N HIS A 392 -32.65 -21.09 -32.11
CA HIS A 392 -33.52 -20.77 -33.27
C HIS A 392 -32.96 -19.57 -34.03
N HIS A 393 -32.25 -18.65 -33.35
CA HIS A 393 -31.61 -17.50 -34.02
C HIS A 393 -30.42 -17.93 -34.89
N HIS A 394 -29.79 -19.05 -34.52
CA HIS A 394 -28.64 -19.59 -35.21
C HIS A 394 -29.04 -20.56 -36.36
N HIS A 395 -30.33 -20.80 -36.55
CA HIS A 395 -30.84 -21.70 -37.57
C HIS A 395 -31.92 -21.02 -38.38
N HIS A 396 -31.55 -19.97 -39.11
CA HIS A 396 -32.36 -19.46 -40.24
C HIS A 396 -32.02 -20.20 -41.56
N VAL B 11 9.84 -13.84 26.00
CA VAL B 11 10.83 -12.77 25.67
C VAL B 11 10.20 -11.54 24.98
N LEU B 12 10.47 -10.34 25.50
CA LEU B 12 10.06 -9.12 24.84
C LEU B 12 10.95 -8.81 23.66
N ASN B 13 10.38 -8.76 22.46
CA ASN B 13 11.16 -8.48 21.26
C ASN B 13 11.18 -7.00 20.90
N VAL B 14 12.39 -6.47 20.73
CA VAL B 14 12.60 -5.07 20.44
C VAL B 14 13.38 -4.99 19.14
N TRP B 15 12.86 -4.28 18.14
CA TRP B 15 13.61 -4.01 16.89
C TRP B 15 14.18 -2.62 16.93
N ALA B 16 15.50 -2.52 16.76
CA ALA B 16 16.16 -1.22 16.77
C ALA B 16 17.11 -1.11 15.64
N MET B 17 17.62 0.09 15.40
CA MET B 17 18.44 0.34 14.21
C MET B 17 19.85 0.83 14.51
N GLY B 18 20.80 0.32 13.75
CA GLY B 18 22.13 0.88 13.63
C GLY B 18 22.88 1.00 14.93
N ASP B 19 23.70 2.05 14.99
CA ASP B 19 24.57 2.26 16.14
C ASP B 19 23.83 2.39 17.46
N GLU B 20 22.71 3.10 17.44
CA GLU B 20 21.96 3.36 18.67
C GLU B 20 21.44 2.06 19.26
N ALA B 21 21.14 1.10 18.38
CA ALA B 21 20.63 -0.17 18.85
C ALA B 21 21.62 -0.88 19.73
N LYS B 22 22.90 -0.68 19.49
CA LYS B 22 23.96 -1.24 20.37
C LYS B 22 23.82 -0.72 21.78
N SER B 23 23.55 0.59 21.93
CA SER B 23 23.35 1.14 23.27
C SER B 23 22.05 0.58 23.88
N LEU B 24 21.00 0.47 23.05
CA LEU B 24 19.74 -0.03 23.57
C LEU B 24 19.88 -1.48 24.05
N LYS B 25 20.66 -2.28 23.32
CA LYS B 25 20.82 -3.67 23.68
C LYS B 25 21.51 -3.78 25.08
N GLU B 26 22.51 -2.93 25.30
CA GLU B 26 23.21 -2.91 26.57
C GLU B 26 22.27 -2.45 27.69
N LEU B 27 21.52 -1.39 27.47
CA LEU B 27 20.61 -0.93 28.48
C LEU B 27 19.54 -1.99 28.78
N ALA B 28 19.13 -2.75 27.75
CA ALA B 28 18.10 -3.78 27.95
C ALA B 28 18.59 -4.89 28.82
N GLN B 29 19.88 -5.15 28.78
CA GLN B 29 20.45 -6.14 29.68
C GLN B 29 20.26 -5.75 31.13
N LYS B 30 20.48 -4.47 31.44
CA LYS B 30 20.25 -3.95 32.77
C LYS B 30 18.73 -3.96 33.12
N PHE B 31 17.89 -3.62 32.16
CA PHE B 31 16.47 -3.72 32.37
C PHE B 31 16.06 -5.13 32.80
N THR B 32 16.59 -6.13 32.12
CA THR B 32 16.26 -7.52 32.43
C THR B 32 16.73 -7.88 33.86
N LYS B 33 17.93 -7.42 34.23
CA LYS B 33 18.46 -7.67 35.56
C LYS B 33 17.57 -7.01 36.59
N ASP B 34 17.17 -5.78 36.33
CA ASP B 34 16.33 -5.01 37.27
C ASP B 34 14.91 -5.47 37.45
N THR B 35 14.30 -6.02 36.41
CA THR B 35 12.85 -6.32 36.39
C THR B 35 12.56 -7.83 36.29
N GLY B 36 13.56 -8.64 35.91
CA GLY B 36 13.33 -10.01 35.50
C GLY B 36 12.69 -10.25 34.14
N ILE B 37 12.42 -9.18 33.38
CA ILE B 37 11.74 -9.30 32.10
C ILE B 37 12.82 -9.45 31.02
N GLU B 38 12.88 -10.64 30.41
CA GLU B 38 13.85 -10.91 29.33
C GLU B 38 13.49 -10.13 28.09
N VAL B 39 14.51 -9.62 27.42
CA VAL B 39 14.35 -8.75 26.31
C VAL B 39 15.37 -9.18 25.27
N LYS B 40 14.94 -9.30 24.02
CA LYS B 40 15.89 -9.50 22.89
C LYS B 40 15.82 -8.28 22.00
N VAL B 41 16.93 -7.55 21.87
CA VAL B 41 17.00 -6.37 21.00
C VAL B 41 17.67 -6.80 19.71
N GLN B 42 16.97 -6.66 18.57
CA GLN B 42 17.54 -6.92 17.25
C GLN B 42 18.12 -5.62 16.69
N VAL B 43 19.25 -5.75 16.02
CA VAL B 43 19.99 -4.58 15.52
C VAL B 43 19.87 -4.63 14.00
N ILE B 44 19.16 -3.69 13.41
CA ILE B 44 18.81 -3.76 12.00
C ILE B 44 19.43 -2.50 11.34
N PRO B 45 20.15 -2.65 10.24
CA PRO B 45 20.61 -1.41 9.59
C PRO B 45 19.49 -0.52 9.08
N TRP B 46 19.69 0.81 9.14
CA TRP B 46 18.71 1.75 8.64
C TRP B 46 18.32 1.46 7.19
N ALA B 47 19.29 1.04 6.39
CA ALA B 47 19.06 0.74 4.98
C ALA B 47 18.11 -0.42 4.76
N ASN B 48 17.97 -1.30 5.76
CA ASN B 48 17.07 -2.46 5.65
C ASN B 48 15.79 -2.31 6.47
N ALA B 49 15.67 -1.26 7.28
CA ALA B 49 14.61 -1.21 8.22
C ALA B 49 13.20 -0.99 7.63
N HIS B 50 13.07 -0.11 6.64
CA HIS B 50 11.75 0.23 6.11
C HIS B 50 11.12 -1.05 5.50
N ASP B 51 11.90 -1.83 4.75
CA ASP B 51 11.45 -3.14 4.23
C ASP B 51 11.04 -4.10 5.33
N LYS B 52 11.86 -4.25 6.35
CA LYS B 52 11.57 -5.11 7.47
C LYS B 52 10.23 -4.68 8.12
N LEU B 53 10.00 -3.37 8.26
CA LEU B 53 8.70 -2.86 8.79
C LEU B 53 7.53 -3.17 7.92
N LEU B 54 7.67 -2.96 6.62
CA LEU B 54 6.60 -3.25 5.70
C LEU B 54 6.28 -4.76 5.74
N THR B 55 7.28 -5.62 5.94
CA THR B 55 7.01 -7.08 5.94
C THR B 55 6.27 -7.40 7.20
N ALA B 56 6.64 -6.74 8.29
CA ALA B 56 5.95 -7.03 9.57
C ALA B 56 4.51 -6.61 9.50
N VAL B 57 4.24 -5.47 8.87
CA VAL B 57 2.88 -5.03 8.72
C VAL B 57 2.09 -6.01 7.86
N ALA B 58 2.62 -6.40 6.72
CA ALA B 58 1.95 -7.33 5.81
C ALA B 58 1.60 -8.67 6.50
N SER B 59 2.47 -9.16 7.35
CA SER B 59 2.32 -10.43 8.02
C SER B 59 1.66 -10.29 9.41
N LYS B 60 1.52 -9.08 9.91
CA LYS B 60 1.02 -8.79 11.28
C LYS B 60 1.85 -9.48 12.36
N SER B 61 3.13 -9.58 12.07
CA SER B 61 4.03 -10.32 12.97
C SER B 61 5.38 -9.65 12.98
N GLY B 62 5.86 -9.47 14.17
CA GLY B 62 7.06 -8.71 14.28
C GLY B 62 7.32 -8.47 15.73
N PRO B 63 7.87 -7.31 16.05
CA PRO B 63 8.36 -7.13 17.38
C PRO B 63 7.27 -6.73 18.33
N ASP B 64 7.63 -6.55 19.57
CA ASP B 64 6.78 -5.93 20.57
C ASP B 64 7.00 -4.43 20.63
N VAL B 65 8.24 -4.04 20.90
CA VAL B 65 8.66 -2.62 20.85
C VAL B 65 9.42 -2.42 19.54
N VAL B 66 9.13 -1.33 18.86
CA VAL B 66 9.81 -1.01 17.60
C VAL B 66 10.35 0.43 17.69
N GLN B 67 11.63 0.55 17.37
CA GLN B 67 12.24 1.86 17.16
C GLN B 67 11.76 2.35 15.79
N MET B 68 11.14 3.48 15.78
CA MET B 68 10.60 4.09 14.56
C MET B 68 11.28 5.37 14.19
N GLY B 69 11.92 5.36 13.02
CA GLY B 69 12.40 6.60 12.48
C GLY B 69 11.25 7.63 12.41
N THR B 70 11.48 8.86 12.82
CA THR B 70 10.38 9.81 12.92
C THR B 70 9.66 10.02 11.56
N THR B 71 10.39 10.00 10.44
CA THR B 71 9.79 10.25 9.13
C THR B 71 8.84 9.17 8.69
N TRP B 72 8.92 8.00 9.34
CA TRP B 72 8.04 6.87 9.02
C TRP B 72 6.83 6.72 9.98
N MET B 73 6.75 7.58 10.98
CA MET B 73 5.62 7.55 11.91
C MET B 73 4.29 7.68 11.21
N PRO B 74 4.11 8.69 10.35
CA PRO B 74 2.79 8.86 9.69
C PRO B 74 2.44 7.64 8.87
N GLU B 75 3.41 7.10 8.13
CA GLU B 75 3.17 5.86 7.35
C GLU B 75 2.62 4.70 8.16
N PHE B 76 3.31 4.41 9.25
CA PHE B 76 3.00 3.23 10.05
C PHE B 76 1.81 3.46 10.97
N VAL B 77 1.50 4.70 11.32
CA VAL B 77 0.22 5.00 11.96
C VAL B 77 -0.93 4.80 10.93
N GLU B 78 -0.79 5.32 9.69
CA GLU B 78 -1.77 5.13 8.60
C GLU B 78 -2.03 3.63 8.36
N ALA B 79 -1.00 2.81 8.46
CA ALA B 79 -1.11 1.35 8.18
C ALA B 79 -1.78 0.63 9.36
N GLY B 80 -2.03 1.32 10.47
CA GLY B 80 -2.60 0.74 11.68
C GLY B 80 -1.64 -0.14 12.46
N ALA B 81 -0.34 0.05 12.27
CA ALA B 81 0.62 -0.85 12.85
C ALA B 81 1.12 -0.47 14.22
N LEU B 82 0.83 0.75 14.66
CA LEU B 82 1.34 1.19 15.96
C LEU B 82 0.20 1.39 16.92
N LEU B 83 0.40 0.90 18.14
CA LEU B 83 -0.58 1.02 19.14
C LEU B 83 -0.79 2.45 19.62
N ASP B 84 -2.06 2.83 19.71
CA ASP B 84 -2.47 4.02 20.43
C ASP B 84 -2.18 3.91 21.93
N ILE B 85 -1.17 4.67 22.38
CA ILE B 85 -0.75 4.62 23.78
C ILE B 85 -1.07 5.93 24.51
N THR B 86 -2.07 6.65 24.03
CA THR B 86 -2.35 7.98 24.58
C THR B 86 -2.53 8.00 26.07
N LYS B 87 -3.44 7.16 26.53
CA LYS B 87 -3.78 7.02 27.95
C LYS B 87 -2.54 6.56 28.74
N ASP B 88 -1.74 5.66 28.16
CA ASP B 88 -0.62 5.06 28.85
C ASP B 88 0.49 6.07 29.08
N VAL B 89 0.78 6.91 28.08
CA VAL B 89 1.88 7.89 28.26
C VAL B 89 1.45 9.09 29.09
N GLU B 90 0.19 9.50 29.00
CA GLU B 90 -0.32 10.52 29.92
C GLU B 90 -0.12 10.10 31.39
N LYS B 91 -0.27 8.80 31.69
CA LYS B 91 -0.13 8.23 33.07
C LYS B 91 1.28 7.73 33.48
N SER B 92 2.25 7.78 32.57
CA SER B 92 3.56 7.24 32.80
C SER B 92 4.36 8.22 33.62
N LYS B 93 5.41 7.71 34.25
CA LYS B 93 6.42 8.52 34.95
C LYS B 93 7.10 9.49 33.96
N ASN B 94 7.69 8.87 32.94
CA ASN B 94 8.72 9.50 32.11
C ASN B 94 8.38 9.69 30.63
N MET B 95 7.16 9.37 30.20
CA MET B 95 6.80 9.40 28.79
C MET B 95 5.75 10.44 28.44
N ASN B 96 5.35 11.23 29.41
CA ASN B 96 4.41 12.28 29.15
C ASN B 96 4.96 13.27 28.08
N SER B 97 4.11 13.59 27.09
CA SER B 97 4.48 14.42 25.94
C SER B 97 5.06 15.76 26.38
N ASP B 98 4.61 16.28 27.52
CA ASP B 98 5.06 17.62 27.85
C ASP B 98 6.53 17.69 28.33
N LEU B 99 7.18 16.56 28.54
CA LEU B 99 8.62 16.52 28.77
C LEU B 99 9.48 16.73 27.52
N PHE B 100 8.89 16.59 26.34
CA PHE B 100 9.70 16.56 25.09
C PHE B 100 9.50 17.78 24.22
N PHE B 101 10.48 18.07 23.37
CA PHE B 101 10.35 19.19 22.43
C PHE B 101 9.09 19.05 21.60
N PRO B 102 8.37 20.17 21.38
CA PRO B 102 7.15 20.12 20.60
C PRO B 102 7.34 19.49 19.22
N GLY B 103 8.47 19.81 18.55
CA GLY B 103 8.70 19.24 17.24
C GLY B 103 8.86 17.71 17.25
N SER B 104 9.51 17.20 18.27
CA SER B 104 9.65 15.71 18.49
C SER B 104 8.30 15.11 18.81
N VAL B 105 7.52 15.76 19.69
CA VAL B 105 6.16 15.32 19.99
C VAL B 105 5.26 15.27 18.75
N LYS B 106 5.44 16.21 17.80
CA LYS B 106 4.65 16.24 16.57
C LYS B 106 4.85 14.94 15.76
N THR B 107 5.98 14.26 15.95
CA THR B 107 6.23 13.02 15.24
C THR B 107 5.55 11.82 15.89
N THR B 108 4.97 12.04 17.07
CA THR B 108 4.30 10.98 17.82
C THR B 108 2.77 11.09 17.88
N GLN B 109 2.23 12.23 17.52
CA GLN B 109 0.79 12.53 17.72
C GLN B 109 0.14 12.78 16.38
N PHE B 110 -0.94 12.05 16.16
CA PHE B 110 -1.73 12.17 14.96
C PHE B 110 -3.21 12.15 15.33
N ASP B 111 -3.89 13.24 14.93
CA ASP B 111 -5.34 13.43 15.14
C ASP B 111 -5.75 13.11 16.58
N GLY B 112 -5.02 13.70 17.52
CA GLY B 112 -5.37 13.56 18.92
C GLY B 112 -4.89 12.31 19.62
N LYS B 113 -4.17 11.41 18.96
CA LYS B 113 -3.71 10.19 19.60
C LYS B 113 -2.19 10.12 19.52
N THR B 114 -1.60 9.49 20.54
CA THR B 114 -0.15 9.40 20.66
C THR B 114 0.26 7.96 20.42
N TYR B 115 1.30 7.76 19.60
CA TYR B 115 1.67 6.44 19.13
C TYR B 115 3.15 6.10 19.38
N GLY B 116 3.81 6.88 20.21
CA GLY B 116 5.17 6.53 20.60
C GLY B 116 5.67 7.53 21.61
N VAL B 117 6.88 7.31 22.07
CA VAL B 117 7.60 8.26 22.94
C VAL B 117 8.89 8.61 22.26
N PRO B 118 9.24 9.94 22.21
CA PRO B 118 10.53 10.29 21.61
C PRO B 118 11.67 9.58 22.35
N TRP B 119 12.60 9.04 21.58
CA TRP B 119 13.77 8.33 22.12
C TRP B 119 15.03 9.18 21.98
N TYR B 120 15.32 9.64 20.76
CA TYR B 120 16.36 10.66 20.56
C TYR B 120 15.91 11.53 19.42
N ALA B 121 16.48 12.73 19.39
CA ALA B 121 16.30 13.67 18.31
C ALA B 121 17.58 13.77 17.51
N GLU B 122 17.46 14.32 16.31
CA GLU B 122 18.65 14.74 15.57
C GLU B 122 18.28 15.88 14.64
N THR B 123 19.30 16.63 14.28
CA THR B 123 19.20 17.64 13.23
C THR B 123 20.45 17.60 12.43
N ARG B 124 20.42 18.21 11.25
CA ARG B 124 21.56 18.15 10.32
C ARG B 124 22.29 19.46 10.28
N VAL B 125 23.61 19.33 10.43
CA VAL B 125 24.49 20.49 10.51
C VAL B 125 25.62 20.29 9.52
N LEU B 126 26.45 21.32 9.33
CA LEU B 126 27.54 21.28 8.41
C LEU B 126 28.80 20.80 9.16
N PHE B 127 29.45 19.78 8.63
CA PHE B 127 30.75 19.31 9.10
C PHE B 127 31.82 19.84 8.15
N TYR B 128 32.89 20.40 8.65
CA TYR B 128 33.92 20.95 7.80
C TYR B 128 35.32 20.79 8.44
N ARG B 129 36.31 20.58 7.57
CA ARG B 129 37.70 20.56 7.95
C ARG B 129 38.16 22.05 8.14
N THR B 130 38.45 22.43 9.38
CA THR B 130 38.76 23.81 9.68
C THR B 130 40.05 24.23 9.02
N ASP B 131 41.02 23.31 8.99
CA ASP B 131 42.29 23.59 8.36
C ASP B 131 42.16 23.86 6.88
N LEU B 132 41.43 23.00 6.21
CA LEU B 132 41.27 23.07 4.75
C LEU B 132 40.41 24.30 4.34
N LEU B 133 39.36 24.61 5.09
CA LEU B 133 38.63 25.86 4.82
C LEU B 133 39.51 27.11 5.01
N LYS B 134 40.31 27.16 6.05
CA LYS B 134 41.24 28.28 6.18
C LYS B 134 42.11 28.49 4.98
N LYS B 135 42.66 27.38 4.50
CA LYS B 135 43.55 27.42 3.37
C LYS B 135 42.90 27.96 2.13
N VAL B 136 41.55 27.86 2.00
CA VAL B 136 40.87 28.51 0.86
C VAL B 136 40.19 29.85 1.21
N GLY B 137 40.63 30.46 2.30
CA GLY B 137 40.17 31.76 2.66
C GLY B 137 39.01 31.87 3.60
N TYR B 138 38.54 30.72 4.16
CA TYR B 138 37.41 30.72 5.11
C TYR B 138 37.83 30.44 6.54
N ASN B 139 37.90 31.52 7.33
CA ASN B 139 38.26 31.38 8.73
C ASN B 139 37.12 30.88 9.58
N GLU B 140 35.91 30.92 9.02
CA GLU B 140 34.70 30.44 9.67
C GLU B 140 34.04 29.52 8.68
N ALA B 141 33.06 28.70 9.11
CA ALA B 141 32.34 27.91 8.14
C ALA B 141 31.60 28.82 7.16
N PRO B 142 31.39 28.36 5.94
CA PRO B 142 30.43 29.04 5.02
C PRO B 142 29.14 29.35 5.69
N LYS B 143 28.59 30.56 5.47
CA LYS B 143 27.40 31.08 6.15
C LYS B 143 26.17 31.18 5.24
N THR B 144 26.37 31.07 3.94
CA THR B 144 25.35 31.30 2.92
C THR B 144 25.52 30.29 1.81
N TRP B 145 24.44 30.10 1.01
CA TRP B 145 24.54 29.23 -0.15
C TRP B 145 25.67 29.62 -1.08
N ASP B 146 25.84 30.93 -1.32
CA ASP B 146 26.91 31.42 -2.19
C ASP B 146 28.31 31.08 -1.61
N GLU B 147 28.48 31.28 -0.31
CA GLU B 147 29.74 30.83 0.35
C GLU B 147 29.98 29.32 0.29
N LEU B 148 28.93 28.52 0.50
CA LEU B 148 29.10 27.07 0.44
C LEU B 148 29.61 26.68 -0.94
N SER B 149 28.93 27.20 -1.96
CA SER B 149 29.32 26.94 -3.35
C SER B 149 30.79 27.35 -3.65
N ASP B 150 31.12 28.58 -3.26
CA ASP B 150 32.45 29.14 -3.47
C ASP B 150 33.54 28.32 -2.79
N ALA B 151 33.35 28.06 -1.48
CA ALA B 151 34.34 27.26 -0.75
C ALA B 151 34.49 25.89 -1.33
N ALA B 152 33.35 25.27 -1.66
CA ALA B 152 33.41 23.92 -2.22
C ALA B 152 34.18 23.89 -3.53
N LEU B 153 33.94 24.87 -4.41
CA LEU B 153 34.59 24.86 -5.69
C LEU B 153 36.10 25.06 -5.55
N LYS B 154 36.46 26.00 -4.66
CA LYS B 154 37.88 26.20 -4.32
C LYS B 154 38.57 24.94 -3.79
N LEU B 155 37.90 24.23 -2.89
CA LEU B 155 38.50 23.01 -2.32
C LEU B 155 38.64 21.95 -3.40
N SER B 156 37.68 21.88 -4.34
CA SER B 156 37.78 20.87 -5.39
C SER B 156 38.96 21.06 -6.32
N LYS B 157 39.52 22.26 -6.34
CA LYS B 157 40.74 22.51 -7.13
C LYS B 157 42.03 21.99 -6.64
N ARG B 158 42.03 21.40 -5.44
CA ARG B 158 43.25 20.77 -4.93
C ARG B 158 43.73 19.64 -5.84
N GLY B 159 42.83 19.06 -6.63
CA GLY B 159 43.17 17.97 -7.56
C GLY B 159 41.91 17.33 -8.16
N LYS B 160 42.06 16.54 -9.20
CA LYS B 160 40.85 16.07 -9.90
C LYS B 160 40.03 15.11 -9.02
N ASP B 161 40.70 14.41 -8.11
CA ASP B 161 40.04 13.48 -7.20
C ASP B 161 39.89 14.03 -5.80
N MET B 162 39.89 15.35 -5.70
CA MET B 162 39.59 16.05 -4.47
C MET B 162 38.32 16.81 -4.72
N TYR B 163 37.52 16.97 -3.68
CA TYR B 163 36.21 17.57 -3.76
C TYR B 163 36.02 18.66 -2.72
N GLY B 164 34.82 19.21 -2.69
CA GLY B 164 34.47 20.24 -1.75
C GLY B 164 33.27 20.02 -0.88
N PHE B 165 32.28 19.23 -1.31
CA PHE B 165 31.04 19.05 -0.53
C PHE B 165 30.35 17.79 -0.97
N ALA B 166 29.80 17.01 -0.05
CA ALA B 166 29.06 15.81 -0.44
C ALA B 166 27.57 16.09 -0.46
N ILE B 167 26.90 15.59 -1.52
CA ILE B 167 25.46 15.55 -1.64
C ILE B 167 25.17 14.06 -1.71
N ASP B 168 24.53 13.54 -0.67
CA ASP B 168 24.26 12.11 -0.62
C ASP B 168 23.02 11.84 -1.44
N PRO B 169 23.16 11.08 -2.53
CA PRO B 169 22.00 10.92 -3.39
C PRO B 169 20.89 10.06 -2.80
N ASN B 170 21.17 9.39 -1.70
CA ASN B 170 20.17 8.57 -1.02
C ASN B 170 19.72 9.10 0.34
N GLU B 171 20.17 10.31 0.68
CA GLU B 171 19.76 11.00 1.89
C GLU B 171 18.43 11.73 1.64
N GLN B 172 17.37 11.19 2.25
CA GLN B 172 15.99 11.64 2.04
C GLN B 172 15.80 13.13 2.36
N THR B 173 16.57 13.65 3.32
CA THR B 173 16.36 15.03 3.77
C THR B 173 16.98 16.12 2.89
N THR B 174 17.97 15.79 2.06
CA THR B 174 18.77 16.87 1.50
C THR B 174 18.03 17.84 0.59
N GLY B 175 17.39 17.34 -0.43
CA GLY B 175 16.67 18.20 -1.34
C GLY B 175 15.63 19.05 -0.62
N PHE B 176 14.89 18.40 0.26
CA PHE B 176 13.80 19.04 1.02
C PHE B 176 14.35 20.13 2.00
N ILE B 177 15.49 19.90 2.63
CA ILE B 177 16.04 20.87 3.51
C ILE B 177 16.40 22.15 2.71
N PHE B 178 17.18 21.98 1.65
CA PHE B 178 17.58 23.08 0.84
C PHE B 178 16.35 23.79 0.26
N GLY B 179 15.34 23.04 -0.15
CA GLY B 179 14.13 23.64 -0.71
C GLY B 179 13.48 24.64 0.23
N ARG B 180 13.34 24.23 1.48
CA ARG B 180 12.73 25.08 2.50
CA ARG B 180 12.74 25.07 2.51
C ARG B 180 13.58 26.30 2.78
N GLN B 181 14.91 26.16 2.67
CA GLN B 181 15.82 27.32 2.82
C GLN B 181 15.63 28.39 1.75
N ASN B 182 15.20 27.97 0.56
CA ASN B 182 14.89 28.87 -0.52
C ASN B 182 13.42 29.20 -0.57
N GLY B 183 12.70 28.99 0.56
CA GLY B 183 11.32 29.43 0.68
C GLY B 183 10.26 28.50 0.10
N SER B 184 10.58 27.27 -0.29
CA SER B 184 9.58 26.33 -0.78
C SER B 184 8.92 25.72 0.44
N PRO B 185 7.56 25.76 0.50
CA PRO B 185 6.93 24.98 1.57
C PRO B 185 6.89 23.47 1.30
N LEU B 186 7.33 23.04 0.12
CA LEU B 186 7.25 21.67 -0.38
C LEU B 186 5.83 21.30 -0.81
N PHE B 187 4.87 21.46 0.10
CA PHE B 187 3.45 21.31 -0.14
C PHE B 187 2.86 22.62 0.28
N ASP B 188 2.00 23.20 -0.54
CA ASP B 188 1.43 24.47 -0.18
C ASP B 188 0.30 24.29 0.84
N LYS B 189 -0.35 25.39 1.20
CA LYS B 189 -1.40 25.38 2.23
C LYS B 189 -2.48 24.34 1.91
N ASP B 190 -2.85 24.25 0.62
CA ASP B 190 -3.83 23.29 0.10
C ASP B 190 -3.40 21.81 0.10
N GLY B 191 -2.14 21.51 0.43
CA GLY B 191 -1.59 20.16 0.35
C GLY B 191 -1.01 19.80 -1.00
N THR B 192 -1.01 20.76 -1.92
CA THR B 192 -0.60 20.55 -3.29
C THR B 192 0.95 20.58 -3.28
N PRO B 193 1.59 19.55 -3.84
CA PRO B 193 3.04 19.67 -4.00
C PRO B 193 3.45 20.82 -4.97
N VAL B 194 4.55 21.47 -4.59
CA VAL B 194 5.09 22.65 -5.35
C VAL B 194 6.55 22.43 -5.71
N PHE B 195 6.90 21.16 -5.96
CA PHE B 195 8.27 20.82 -6.34
C PHE B 195 8.69 21.39 -7.70
N ASN B 196 7.70 21.60 -8.56
CA ASN B 196 7.94 22.17 -9.89
C ASN B 196 7.82 23.69 -9.95
N LYS B 197 7.64 24.37 -8.82
CA LYS B 197 7.64 25.82 -8.78
C LYS B 197 9.06 26.34 -8.52
N LYS B 198 9.25 27.63 -8.86
CA LYS B 198 10.58 28.21 -8.88
C LYS B 198 11.44 27.95 -7.60
N PRO B 199 10.87 28.17 -6.40
CA PRO B 199 11.72 27.98 -5.21
C PRO B 199 12.40 26.61 -5.15
N PHE B 200 11.64 25.56 -5.46
CA PHE B 200 12.22 24.22 -5.41
C PHE B 200 13.06 23.89 -6.62
N VAL B 201 12.56 24.28 -7.79
CA VAL B 201 13.34 24.04 -9.05
C VAL B 201 14.75 24.64 -8.89
N ASP B 202 14.78 25.88 -8.42
CA ASP B 202 16.02 26.60 -8.31
C ASP B 202 16.94 25.95 -7.26
N THR B 203 16.33 25.38 -6.21
CA THR B 203 17.10 24.66 -5.22
C THR B 203 17.79 23.46 -5.89
N VAL B 204 17.07 22.69 -6.69
CA VAL B 204 17.68 21.53 -7.32
C VAL B 204 18.74 21.93 -8.35
N THR B 205 18.53 23.05 -9.03
CA THR B 205 19.58 23.60 -9.92
C THR B 205 20.84 23.93 -9.11
N TYR B 206 20.62 24.56 -7.97
CA TYR B 206 21.73 24.88 -7.04
C TYR B 206 22.53 23.62 -6.64
N LEU B 207 21.83 22.61 -6.16
CA LEU B 207 22.49 21.34 -5.79
C LEU B 207 23.21 20.72 -6.99
N ASP B 208 22.56 20.69 -8.14
CA ASP B 208 23.19 20.15 -9.37
C ASP B 208 24.45 20.93 -9.77
N SER B 209 24.54 22.22 -9.40
CA SER B 209 25.68 23.02 -9.80
C SER B 209 26.97 22.41 -9.21
N PHE B 210 26.85 21.77 -8.04
CA PHE B 210 28.05 21.18 -7.38
C PHE B 210 28.51 19.93 -8.15
N ILE B 211 27.56 19.19 -8.72
CA ILE B 211 27.91 18.02 -9.53
C ILE B 211 28.54 18.48 -10.85
N LYS B 212 27.89 19.45 -11.50
CA LYS B 212 28.36 19.99 -12.77
C LYS B 212 29.74 20.59 -12.68
N ASN B 213 30.06 21.23 -11.56
CA ASN B 213 31.37 21.87 -11.45
C ASN B 213 32.43 21.00 -10.81
N GLY B 214 32.07 19.75 -10.48
CA GLY B 214 33.04 18.78 -10.00
C GLY B 214 33.34 18.88 -8.53
N SER B 215 32.62 19.72 -7.76
CA SER B 215 32.94 19.93 -6.38
C SER B 215 32.22 18.93 -5.47
N ALA B 216 31.16 18.27 -5.97
CA ALA B 216 30.54 17.12 -5.28
C ALA B 216 30.73 15.87 -6.09
N PRO B 217 31.04 14.74 -5.43
CA PRO B 217 31.25 13.52 -6.21
C PRO B 217 29.98 13.03 -6.85
N ASP B 218 30.11 12.52 -8.07
CA ASP B 218 28.97 11.99 -8.80
C ASP B 218 28.94 10.49 -8.81
N THR B 219 29.73 9.87 -7.93
CA THR B 219 29.67 8.43 -7.68
C THR B 219 29.95 8.16 -6.21
N ASP B 220 29.70 6.96 -5.75
CA ASP B 220 30.07 6.51 -4.42
C ASP B 220 31.57 6.21 -4.46
N LEU B 221 32.34 6.91 -3.64
CA LEU B 221 33.75 6.71 -3.57
C LEU B 221 34.12 5.42 -2.86
N GLY B 222 33.20 4.85 -2.08
CA GLY B 222 33.49 3.61 -1.38
C GLY B 222 34.35 3.79 -0.14
N LEU B 223 34.42 5.01 0.39
CA LEU B 223 35.25 5.36 1.53
C LEU B 223 34.42 5.47 2.80
N ASP B 224 34.99 5.01 3.91
CA ASP B 224 34.64 5.33 5.31
C ASP B 224 34.68 6.84 5.56
N ALA B 225 34.00 7.33 6.60
CA ALA B 225 34.13 8.76 6.97
C ALA B 225 35.59 9.13 7.30
N SER B 226 36.33 8.28 8.03
CA SER B 226 37.74 8.56 8.30
C SER B 226 38.58 8.64 7.01
N GLN B 227 38.29 7.82 6.03
CA GLN B 227 39.04 7.80 4.82
C GLN B 227 38.68 8.98 3.90
N SER B 228 37.46 9.51 3.92
CA SER B 228 37.13 10.61 3.02
C SER B 228 37.23 12.02 3.67
N PHE B 229 36.84 12.13 4.93
CA PHE B 229 36.89 13.41 5.66
C PHE B 229 38.23 13.56 6.41
N GLY B 230 38.76 12.42 6.88
CA GLY B 230 40.08 12.37 7.49
C GLY B 230 41.18 12.50 6.45
N GLY B 231 42.41 12.21 6.88
CA GLY B 231 43.57 12.29 5.98
C GLY B 231 43.66 13.64 5.29
N ASP B 232 43.79 13.61 3.97
CA ASP B 232 43.86 14.87 3.21
C ASP B 232 42.52 15.53 2.88
N GLY B 233 41.43 14.97 3.37
CA GLY B 233 40.11 15.61 3.24
C GLY B 233 39.62 15.62 1.80
N ILE B 234 39.59 14.43 1.20
CA ILE B 234 39.01 14.23 -0.13
C ILE B 234 37.62 14.87 -0.20
N VAL B 235 36.80 14.64 0.81
CA VAL B 235 35.53 15.32 0.93
C VAL B 235 35.54 16.14 2.22
N PRO B 236 35.75 17.45 2.12
CA PRO B 236 36.16 18.24 3.29
C PRO B 236 34.97 18.96 3.97
N MET B 237 33.78 18.81 3.41
CA MET B 237 32.49 19.35 3.97
C MET B 237 31.36 18.39 3.64
N PHE B 238 30.43 18.21 4.58
CA PHE B 238 29.26 17.36 4.35
C PHE B 238 28.20 17.73 5.39
N MET B 239 27.02 17.17 5.22
CA MET B 239 25.95 17.39 6.19
C MET B 239 25.61 16.09 6.87
N SER B 240 25.46 16.15 8.19
CA SER B 240 25.05 14.99 8.95
C SER B 240 24.58 15.37 10.29
N GLY B 241 24.27 14.35 11.09
CA GLY B 241 23.74 14.53 12.46
C GLY B 241 24.73 14.09 13.54
N PRO B 242 24.27 13.98 14.80
CA PRO B 242 25.09 13.63 15.90
C PRO B 242 25.92 12.36 15.72
N TRP B 243 25.30 11.36 15.03
CA TRP B 243 26.00 10.09 14.86
C TRP B 243 27.29 10.22 14.16
N MET B 244 27.44 11.24 13.30
CA MET B 244 28.72 11.42 12.63
C MET B 244 29.76 12.13 13.54
N VAL B 245 29.35 12.91 14.57
CA VAL B 245 30.30 13.36 15.58
C VAL B 245 30.91 12.14 16.26
N ASN B 246 30.05 11.25 16.73
CA ASN B 246 30.50 10.02 17.41
C ASN B 246 31.44 9.20 16.50
N THR B 247 31.06 9.05 15.23
CA THR B 247 31.87 8.29 14.28
C THR B 247 33.25 8.88 14.11
N LEU B 248 33.32 10.20 13.86
CA LEU B 248 34.58 10.86 13.65
C LEU B 248 35.45 10.87 14.92
N LYS B 249 34.81 11.06 16.08
CA LYS B 249 35.57 10.97 17.34
C LYS B 249 36.18 9.59 17.50
N ASP B 250 35.45 8.56 17.15
CA ASP B 250 35.89 7.15 17.39
C ASP B 250 36.84 6.64 16.31
N THR B 251 36.87 7.26 15.12
CA THR B 251 37.58 6.62 13.99
C THR B 251 38.52 7.51 13.19
N ALA B 252 38.57 8.82 13.49
CA ALA B 252 39.41 9.72 12.71
C ALA B 252 40.37 10.52 13.61
N PRO B 253 41.29 9.84 14.33
CA PRO B 253 42.22 10.57 15.20
C PRO B 253 43.20 11.48 14.52
N ASP B 254 43.54 11.20 13.26
CA ASP B 254 44.46 12.05 12.51
C ASP B 254 43.94 13.48 12.30
N ILE B 255 42.66 13.68 12.36
CA ILE B 255 42.10 15.04 12.22
C ILE B 255 41.52 15.60 13.52
N ASP B 256 41.90 15.02 14.66
CA ASP B 256 41.52 15.60 15.95
C ASP B 256 41.97 17.11 15.95
N GLY B 257 41.05 18.03 16.20
CA GLY B 257 41.40 19.49 16.25
C GLY B 257 41.47 20.16 14.90
N LYS B 258 41.08 19.43 13.85
CA LYS B 258 41.13 19.94 12.50
C LYS B 258 39.74 19.91 11.80
N TRP B 259 38.68 19.68 12.57
CA TRP B 259 37.32 19.71 12.01
C TRP B 259 36.40 20.24 13.07
N ALA B 260 35.24 20.71 12.61
CA ALA B 260 34.22 21.21 13.54
C ALA B 260 32.87 21.06 12.81
N THR B 261 31.81 21.38 13.52
CA THR B 261 30.46 21.55 12.96
C THR B 261 30.10 23.05 13.01
N ALA B 262 29.12 23.41 12.17
CA ALA B 262 28.54 24.73 12.13
C ALA B 262 27.09 24.58 11.74
N VAL B 263 26.29 25.60 12.04
CA VAL B 263 24.94 25.63 11.56
C VAL B 263 24.94 25.67 10.04
N LEU B 264 23.81 25.23 9.47
CA LEU B 264 23.72 25.21 8.00
C LEU B 264 23.78 26.56 7.40
N PRO B 265 24.42 26.67 6.24
CA PRO B 265 24.42 27.95 5.51
C PRO B 265 23.02 28.39 5.14
N LYS B 266 22.85 29.69 5.07
CA LYS B 266 21.54 30.31 4.84
C LYS B 266 21.30 30.68 3.37
N LYS B 267 20.04 30.60 2.97
CA LYS B 267 19.55 31.22 1.74
C LYS B 267 18.53 32.30 2.17
N GLU B 268 17.24 32.05 2.08
CA GLU B 268 16.24 32.85 2.81
C GLU B 268 16.28 32.58 4.30
N ASN B 269 16.56 31.32 4.64
CA ASN B 269 16.77 30.89 6.01
C ASN B 269 17.78 29.77 6.00
N ASN B 270 18.16 29.29 7.20
CA ASN B 270 19.08 28.15 7.29
C ASN B 270 18.44 26.95 8.00
N GLU B 271 17.11 26.83 7.92
CA GLU B 271 16.37 25.79 8.63
C GLU B 271 16.92 24.41 8.22
N SER B 272 16.96 23.50 9.19
CA SER B 272 17.36 22.13 9.00
C SER B 272 16.18 21.20 9.27
N SER B 273 16.39 19.89 9.11
CA SER B 273 15.40 18.93 9.48
C SER B 273 15.46 18.54 10.96
N LEU B 274 14.30 18.25 11.55
CA LEU B 274 14.26 17.63 12.88
C LEU B 274 13.84 16.16 12.63
N GLY B 275 14.74 15.27 13.06
CA GLY B 275 14.46 13.82 12.97
C GLY B 275 14.77 13.07 14.26
N GLY B 276 15.14 11.81 14.12
CA GLY B 276 15.45 10.93 15.24
C GLY B 276 14.62 9.72 15.20
N ALA B 277 14.33 9.18 16.38
CA ALA B 277 13.54 7.97 16.45
C ALA B 277 12.69 7.99 17.71
N ASN B 278 11.57 7.34 17.62
CA ASN B 278 10.70 7.08 18.77
C ASN B 278 10.65 5.65 19.15
N LEU B 279 10.15 5.37 20.35
CA LEU B 279 9.79 3.98 20.67
C LEU B 279 8.29 3.85 20.58
N SER B 280 7.82 2.80 19.91
CA SER B 280 6.41 2.53 19.72
C SER B 280 6.12 1.04 20.03
N ILE B 281 4.84 0.72 20.23
CA ILE B 281 4.42 -0.63 20.47
C ILE B 281 3.75 -1.13 19.20
N PHE B 282 4.22 -2.26 18.67
CA PHE B 282 3.60 -2.89 17.48
C PHE B 282 2.19 -3.33 17.86
N LYS B 283 1.23 -3.00 17.01
CA LYS B 283 -0.16 -3.12 17.39
C LYS B 283 -0.56 -4.56 17.74
N TYR B 284 0.08 -5.52 17.08
CA TYR B 284 -0.26 -6.90 17.19
C TYR B 284 0.52 -7.58 18.33
N SER B 285 1.29 -6.80 19.13
CA SER B 285 2.00 -7.40 20.27
C SER B 285 1.04 -8.00 21.31
N ASN B 286 1.39 -9.14 21.84
CA ASN B 286 0.73 -9.68 23.05
C ASN B 286 1.43 -9.34 24.32
N LYS B 287 2.32 -8.35 24.29
CA LYS B 287 3.11 -8.02 25.45
C LYS B 287 3.11 -6.51 25.67
N LYS B 288 1.94 -5.94 25.56
CA LYS B 288 1.81 -4.50 25.62
C LYS B 288 2.25 -3.95 26.97
N ASP B 289 1.91 -4.64 28.06
CA ASP B 289 2.26 -4.17 29.37
C ASP B 289 3.79 -4.15 29.55
N ASP B 290 4.45 -5.23 29.14
CA ASP B 290 5.89 -5.27 29.33
C ASP B 290 6.57 -4.31 28.37
N ALA B 291 5.99 -4.13 27.19
CA ALA B 291 6.49 -3.13 26.23
C ALA B 291 6.43 -1.74 26.88
N LEU B 292 5.32 -1.38 27.51
CA LEU B 292 5.25 -0.10 28.19
C LEU B 292 6.28 0.04 29.29
N LYS B 293 6.46 -1.01 30.10
CA LYS B 293 7.46 -0.96 31.16
C LYS B 293 8.85 -0.66 30.61
N PHE B 294 9.18 -1.32 29.52
CA PHE B 294 10.46 -1.14 28.89
C PHE B 294 10.62 0.29 28.38
N MET B 295 9.60 0.82 27.75
CA MET B 295 9.66 2.16 27.20
C MET B 295 9.80 3.19 28.32
N ASP B 296 9.07 2.97 29.41
CA ASP B 296 9.11 3.90 30.53
C ASP B 296 10.51 3.86 31.14
N TYR B 297 11.06 2.68 31.32
CA TYR B 297 12.38 2.51 31.86
C TYR B 297 13.44 3.20 31.01
N MET B 298 13.35 2.99 29.70
CA MET B 298 14.28 3.61 28.76
C MET B 298 14.10 5.11 28.67
N SER B 299 12.98 5.66 29.11
CA SER B 299 12.75 7.09 29.13
C SER B 299 13.18 7.74 30.44
N GLN B 300 13.64 6.96 31.43
CA GLN B 300 14.18 7.53 32.68
C GLN B 300 15.29 8.53 32.35
N PRO B 301 15.23 9.75 32.92
CA PRO B 301 16.12 10.78 32.39
C PRO B 301 17.62 10.46 32.56
N ASP B 302 17.95 9.79 33.66
CA ASP B 302 19.33 9.40 33.93
C ASP B 302 19.83 8.27 33.03
N VAL B 303 18.97 7.29 32.77
CA VAL B 303 19.26 6.19 31.85
C VAL B 303 19.53 6.80 30.45
N GLN B 304 18.63 7.70 30.05
CA GLN B 304 18.76 8.39 28.74
C GLN B 304 20.04 9.19 28.64
N LEU B 305 20.25 10.09 29.59
CA LEU B 305 21.41 10.98 29.49
C LEU B 305 22.72 10.21 29.39
N SER B 306 22.81 9.07 30.09
CA SER B 306 24.01 8.26 30.08
C SER B 306 24.47 7.93 28.64
N TRP B 307 23.58 7.25 27.89
CA TRP B 307 23.95 6.79 26.58
C TRP B 307 23.94 7.94 25.58
N LEU B 308 23.02 8.91 25.75
CA LEU B 308 23.02 10.06 24.84
C LEU B 308 24.37 10.82 24.84
N LYS B 309 24.79 11.20 26.03
CA LYS B 309 26.04 11.95 26.15
C LYS B 309 27.23 11.12 25.64
N ASP B 310 27.24 9.85 25.98
CA ASP B 310 28.36 8.97 25.53
C ASP B 310 28.53 8.88 24.00
N THR B 311 27.41 9.02 23.29
CA THR B 311 27.33 8.93 21.82
C THR B 311 27.15 10.30 21.13
N ASN B 312 27.28 11.41 21.88
CA ASN B 312 27.06 12.76 21.38
C ASN B 312 25.66 12.95 20.78
N SER B 313 24.72 12.13 21.17
CA SER B 313 23.36 12.17 20.63
C SER B 313 22.55 13.27 21.31
N MET B 314 21.53 13.70 20.61
CA MET B 314 20.63 14.80 21.05
C MET B 314 19.42 14.25 21.80
N PRO B 315 19.27 14.64 23.07
CA PRO B 315 18.00 14.29 23.75
C PRO B 315 16.82 14.98 23.06
N ALA B 316 15.69 14.34 23.06
CA ALA B 316 14.42 14.94 22.69
C ALA B 316 13.70 15.49 23.94
N ARG B 317 14.22 15.15 25.11
CA ARG B 317 13.68 15.57 26.40
C ARG B 317 14.26 16.93 26.72
N MET B 318 13.43 17.90 26.99
CA MET B 318 13.94 19.29 27.04
C MET B 318 14.89 19.59 28.21
N ASP B 319 14.54 19.13 29.39
CA ASP B 319 15.38 19.42 30.58
C ASP B 319 16.74 18.74 30.56
N ALA B 320 16.96 17.73 29.72
CA ALA B 320 18.31 17.20 29.48
C ALA B 320 19.29 18.23 28.91
N TRP B 321 18.75 19.22 28.21
CA TRP B 321 19.57 20.26 27.62
C TRP B 321 20.07 21.28 28.67
N GLU B 322 19.60 21.17 29.91
CA GLU B 322 20.18 22.00 30.99
C GLU B 322 21.44 21.39 31.57
N ASP B 323 21.72 20.13 31.23
CA ASP B 323 22.93 19.46 31.67
C ASP B 323 24.16 20.26 31.23
N ASP B 324 25.13 20.38 32.12
CA ASP B 324 26.35 21.13 31.87
C ASP B 324 27.07 20.84 30.54
N MET B 325 27.13 19.56 30.16
CA MET B 325 27.77 19.18 28.89
C MET B 325 26.99 19.70 27.68
N LEU B 326 25.68 19.57 27.72
CA LEU B 326 24.86 20.01 26.61
C LEU B 326 24.80 21.52 26.45
N LYS B 327 25.07 22.24 27.54
CA LYS B 327 25.20 23.69 27.48
C LYS B 327 26.56 24.09 26.96
N ASN B 328 27.63 23.38 27.34
CA ASN B 328 29.00 23.85 27.12
C ASN B 328 29.83 23.17 26.01
N ASP B 329 29.43 21.98 25.62
CA ASP B 329 30.18 21.27 24.59
C ASP B 329 29.98 21.93 23.20
N PRO B 330 31.03 22.06 22.40
CA PRO B 330 30.90 22.76 21.11
C PRO B 330 29.93 22.12 20.14
N TYR B 331 29.91 20.79 20.10
CA TYR B 331 28.98 20.09 19.19
C TYR B 331 27.55 20.25 19.64
N TYR B 332 27.28 20.12 20.94
CA TYR B 332 25.92 20.34 21.43
C TYR B 332 25.51 21.80 21.25
N LYS B 333 26.41 22.77 21.42
CA LYS B 333 26.04 24.18 21.18
C LYS B 333 25.50 24.35 19.75
N VAL B 334 26.21 23.82 18.76
CA VAL B 334 25.76 23.89 17.36
C VAL B 334 24.45 23.11 17.12
N PHE B 335 24.33 21.90 17.66
CA PHE B 335 23.09 21.18 17.49
C PHE B 335 21.93 21.94 18.12
N GLY B 336 22.15 22.48 19.31
CA GLY B 336 21.10 23.20 20.02
C GLY B 336 20.67 24.44 19.26
N GLU B 337 21.61 25.13 18.66
CA GLU B 337 21.28 26.29 17.90
C GLU B 337 20.44 25.90 16.65
N GLN B 338 20.88 24.87 15.96
CA GLN B 338 20.19 24.36 14.78
C GLN B 338 18.80 23.87 15.14
N MET B 339 18.67 23.22 16.30
CA MET B 339 17.39 22.65 16.70
C MET B 339 16.31 23.72 16.90
N LYS B 340 16.73 24.96 17.20
CA LYS B 340 15.78 26.02 17.52
C LYS B 340 14.75 26.18 16.42
N THR B 341 15.19 26.03 15.16
CA THR B 341 14.34 26.23 14.00
C THR B 341 14.11 24.96 13.17
N ALA B 342 14.55 23.82 13.66
CA ALA B 342 14.51 22.60 12.84
C ALA B 342 13.07 22.11 12.75
N GLU B 343 12.64 21.64 11.59
CA GLU B 343 11.29 21.13 11.39
C GLU B 343 11.32 19.72 10.81
N PRO B 344 10.45 18.87 11.32
CA PRO B 344 10.34 17.54 10.65
C PRO B 344 10.08 17.67 9.17
N MET B 345 10.62 16.72 8.40
CA MET B 345 10.13 16.44 7.04
C MET B 345 8.61 16.35 7.07
N PRO B 346 7.95 16.63 5.93
CA PRO B 346 6.48 16.55 5.85
C PRO B 346 5.97 15.27 6.53
N LEU B 347 5.09 15.46 7.53
CA LEU B 347 4.60 14.32 8.36
C LEU B 347 3.38 13.69 7.65
N ILE B 348 3.65 13.05 6.53
CA ILE B 348 2.64 12.49 5.65
C ILE B 348 2.95 11.02 5.44
N PRO B 349 1.91 10.22 5.23
CA PRO B 349 2.09 8.76 5.24
C PRO B 349 2.88 8.23 4.05
N GLN B 350 3.05 9.01 2.99
CA GLN B 350 3.87 8.60 1.86
C GLN B 350 5.25 9.18 1.78
N PHE B 351 5.74 9.70 2.90
CA PHE B 351 6.98 10.45 2.84
C PHE B 351 8.13 9.61 2.24
N GLU B 352 8.31 8.37 2.76
CA GLU B 352 9.47 7.59 2.26
C GLU B 352 9.44 7.36 0.76
N GLU B 353 8.26 7.02 0.26
CA GLU B 353 8.08 6.79 -1.15
C GLU B 353 8.34 8.06 -1.96
N ILE B 354 7.86 9.19 -1.47
CA ILE B 354 8.13 10.51 -2.11
C ILE B 354 9.62 10.82 -2.08
N ALA B 355 10.26 10.57 -0.95
CA ALA B 355 11.68 10.81 -0.87
C ALA B 355 12.47 9.92 -1.88
N GLN B 356 12.07 8.66 -2.00
CA GLN B 356 12.73 7.77 -2.97
C GLN B 356 12.47 8.22 -4.43
N LEU B 357 11.28 8.75 -4.69
CA LEU B 357 10.97 9.35 -5.95
C LEU B 357 11.82 10.57 -6.20
N TYR B 358 12.06 11.39 -5.16
CA TYR B 358 12.95 12.53 -5.30
C TYR B 358 14.32 11.98 -5.71
N GLY B 359 14.74 10.92 -5.04
CA GLY B 359 16.03 10.28 -5.32
C GLY B 359 16.22 9.88 -6.79
N LYS B 360 15.19 9.30 -7.36
CA LYS B 360 15.23 8.86 -8.76
C LYS B 360 15.34 10.06 -9.71
N SER B 361 14.54 11.08 -9.43
CA SER B 361 14.57 12.34 -10.19
C SER B 361 15.91 13.06 -10.06
N TRP B 362 16.42 13.11 -8.85
CA TRP B 362 17.77 13.65 -8.64
C TRP B 362 18.83 12.90 -9.50
N GLU B 363 18.75 11.56 -9.50
CA GLU B 363 19.66 10.74 -10.33
C GLU B 363 19.49 11.00 -11.83
N GLN B 364 18.27 11.12 -12.31
CA GLN B 364 18.04 11.53 -13.70
C GLN B 364 18.77 12.84 -14.05
N ILE B 365 18.73 13.80 -13.13
CA ILE B 365 19.39 15.08 -13.27
C ILE B 365 20.93 14.95 -13.14
N TYR B 366 21.44 14.50 -12.00
CA TYR B 366 22.88 14.56 -11.76
C TYR B 366 23.68 13.57 -12.59
N ARG B 367 23.09 12.43 -12.91
CA ARG B 367 23.79 11.39 -13.61
C ARG B 367 23.30 11.27 -15.04
N GLY B 368 22.00 11.49 -15.25
CA GLY B 368 21.38 11.40 -16.56
C GLY B 368 21.42 12.68 -17.35
N GLY B 369 21.58 13.83 -16.72
CA GLY B 369 21.66 15.10 -17.47
C GLY B 369 20.31 15.67 -17.81
N ALA B 370 19.27 15.19 -17.14
CA ALA B 370 17.90 15.69 -17.37
C ALA B 370 17.77 17.16 -16.96
N ASP B 371 16.90 17.85 -17.65
CA ASP B 371 16.61 19.23 -17.36
C ASP B 371 15.87 19.30 -16.00
N VAL B 372 16.26 20.22 -15.13
CA VAL B 372 15.71 20.25 -13.79
C VAL B 372 14.20 20.57 -13.80
N GLN B 373 13.81 21.60 -14.53
CA GLN B 373 12.39 21.96 -14.58
C GLN B 373 11.54 20.78 -15.10
N THR B 374 11.98 20.21 -16.20
CA THR B 374 11.30 19.09 -16.78
C THR B 374 11.18 17.92 -15.81
N GLN B 375 12.29 17.60 -15.15
CA GLN B 375 12.24 16.48 -14.22
C GLN B 375 11.36 16.82 -13.01
N MET B 376 11.38 18.05 -12.55
CA MET B 376 10.54 18.45 -11.42
C MET B 376 9.05 18.42 -11.77
N ASP B 377 8.70 18.79 -13.01
CA ASP B 377 7.33 18.58 -13.52
C ASP B 377 6.91 17.13 -13.43
N THR B 378 7.73 16.21 -13.90
CA THR B 378 7.49 14.77 -13.73
C THR B 378 7.33 14.33 -12.27
N PHE B 379 8.27 14.74 -11.42
CA PHE B 379 8.26 14.42 -10.04
C PHE B 379 7.02 14.98 -9.35
N ASN B 380 6.67 16.22 -9.63
CA ASN B 380 5.51 16.81 -8.97
C ASN B 380 4.23 16.00 -9.36
N ASP B 381 4.14 15.63 -10.62
CA ASP B 381 3.00 14.80 -11.11
C ASP B 381 2.94 13.47 -10.38
N GLN B 382 4.10 12.84 -10.16
CA GLN B 382 4.16 11.57 -9.45
C GLN B 382 3.64 11.73 -8.03
N VAL B 383 4.09 12.78 -7.34
CA VAL B 383 3.66 13.02 -6.02
C VAL B 383 2.13 13.26 -5.96
N GLU B 384 1.61 14.14 -6.84
CA GLU B 384 0.16 14.41 -6.86
C GLU B 384 -0.61 13.12 -7.05
N ALA B 385 -0.09 12.25 -7.91
CA ALA B 385 -0.77 11.00 -8.16
C ALA B 385 -0.77 10.08 -6.94
N LEU B 386 0.35 10.05 -6.19
CA LEU B 386 0.38 9.26 -4.99
C LEU B 386 -0.61 9.81 -3.98
N LEU B 387 -0.70 11.13 -3.83
CA LEU B 387 -1.60 11.68 -2.84
C LEU B 387 -3.05 11.35 -3.21
N LYS B 388 -3.39 11.41 -4.50
CA LYS B 388 -4.77 11.07 -4.95
C LYS B 388 -5.05 9.55 -4.67
N LYS B 389 -4.03 8.75 -4.87
CA LYS B 389 -4.11 7.27 -4.67
C LYS B 389 -4.42 6.99 -3.22
N LEU B 390 -3.78 7.71 -2.29
CA LEU B 390 -4.09 7.58 -0.89
C LEU B 390 -5.47 8.09 -0.54
N GLU B 391 -5.82 9.29 -1.05
CA GLU B 391 -7.16 9.81 -0.75
C GLU B 391 -8.25 8.88 -1.17
N HIS B 392 -8.08 8.09 -2.23
CA HIS B 392 -9.08 7.16 -2.65
C HIS B 392 -9.31 6.09 -1.60
N HIS B 393 -8.28 5.76 -0.83
CA HIS B 393 -8.44 4.78 0.30
C HIS B 393 -9.25 5.34 1.47
N HIS B 394 -9.22 6.68 1.61
CA HIS B 394 -9.93 7.38 2.66
C HIS B 394 -11.42 7.66 2.29
N HIS B 395 -11.82 7.40 1.04
CA HIS B 395 -13.17 7.74 0.60
C HIS B 395 -13.78 6.55 -0.08
N HIS B 396 -13.62 5.44 0.59
CA HIS B 396 -13.98 4.22 0.03
C HIS B 396 -15.40 3.91 0.54
N HIS B 397 -16.36 4.80 0.24
CA HIS B 397 -17.73 4.70 0.63
C HIS B 397 -18.60 5.12 -0.49
#